data_1S7T
#
_entry.id   1S7T
#
_cell.length_a   88.298
_cell.length_b   92.688
_cell.length_c   128.443
_cell.angle_alpha   90.00
_cell.angle_beta   90.00
_cell.angle_gamma   90.00
#
_symmetry.space_group_name_H-M   'P 21 21 21'
#
loop_
_entity.id
_entity.type
_entity.pdbx_description
1 polymer 'H-2 class I histocompatibility antigen, K-B alpha chain'
2 polymer Beta-2-microglobulin
3 polymer 'Glycoprotein 9-residue peptide'
4 water water
#
loop_
_entity_poly.entity_id
_entity_poly.type
_entity_poly.pdbx_seq_one_letter_code
_entity_poly.pdbx_strand_id
1 'polypeptide(L)'
;GPHSLRYFVTAVSRPGLGEPRYMEVGYVDDTEFVRFDSDAENPRYEPRARWMEQEGPEYWERETQKAKGNEQSFRVDLRT
LLGYYNQSKGGSHTIQVISGCEVGSDGRLLRGYQQYAYDGCDYIALNEDLKTWTAADMAALITKHKWEQAGEAERLRAYL
EGTCVEWLRRYLKNGNATLLRTDSPKAHVTHHSRPEDKVTLRCWALGFYPADITLTWQLNGEELIQDMELVETRPAGDGT
FQKWASVVVPLGKEQYYTCHVYHQGLPEPLTLRWEPPPSTVSNMATVAVLVVLGAAIVTGAVVAFVMKMRRRNTGGKGGD
YALAPGSQTSDLSLPDCKVMVHDPHSLA
;
A,D
2 'polypeptide(L)'
;IQKTPQIQVYSRHPPENGKPNILNCYVTQFHPPHIEIQMLKNGKKIPKVEMSDMSFSKDWSFYILAHTEFTPTETDTYAC
RVKHDSMAEPKTVYWDRDM
;
B,E
3 'polypeptide(L)' KAVFNFATM C,F
#
# COMPACT_ATOMS: atom_id res chain seq x y z
N GLY A 1 32.99 -6.01 -5.70
CA GLY A 1 31.66 -5.70 -5.10
C GLY A 1 30.71 -6.88 -5.17
N PRO A 2 29.46 -6.66 -4.74
CA PRO A 2 28.41 -7.67 -4.85
C PRO A 2 27.88 -7.81 -6.29
N HIS A 3 27.32 -8.97 -6.61
CA HIS A 3 26.71 -9.25 -7.91
C HIS A 3 25.35 -9.91 -7.75
N SER A 4 24.57 -9.90 -8.83
CA SER A 4 23.19 -10.35 -8.80
C SER A 4 22.78 -11.06 -10.09
N LEU A 5 21.90 -12.04 -9.91
CA LEU A 5 21.26 -12.75 -10.99
C LEU A 5 19.75 -12.50 -10.85
N ARG A 6 19.16 -11.88 -11.87
CA ARG A 6 17.74 -11.50 -11.81
C ARG A 6 16.98 -11.91 -13.07
N TYR A 7 15.78 -12.43 -12.87
CA TYR A 7 14.86 -12.72 -13.96
C TYR A 7 13.60 -11.90 -13.81
N PHE A 8 13.23 -11.21 -14.88
CA PHE A 8 11.95 -10.51 -14.93
C PHE A 8 11.06 -11.33 -15.85
N VAL A 9 9.92 -11.78 -15.32
CA VAL A 9 8.99 -12.56 -16.10
C VAL A 9 7.59 -11.96 -16.09
N THR A 10 6.99 -11.92 -17.27
CA THR A 10 5.66 -11.40 -17.48
C THR A 10 4.85 -12.36 -18.30
N ALA A 11 3.60 -12.52 -17.92
CA ALA A 11 2.60 -13.17 -18.76
C ALA A 11 1.41 -12.25 -18.84
N VAL A 12 0.90 -12.05 -20.05
CA VAL A 12 -0.20 -11.12 -20.25
C VAL A 12 -1.22 -11.73 -21.19
N SER A 13 -2.44 -11.87 -20.67
CA SER A 13 -3.54 -12.43 -21.44
C SER A 13 -4.01 -11.42 -22.49
N ARG A 14 -4.60 -11.96 -23.54
CA ARG A 14 -5.18 -11.15 -24.60
C ARG A 14 -6.38 -11.92 -25.19
N PRO A 15 -7.50 -11.92 -24.47
CA PRO A 15 -8.69 -12.66 -24.92
C PRO A 15 -9.12 -12.29 -26.33
N GLY A 16 -9.49 -13.29 -27.13
CA GLY A 16 -9.83 -13.08 -28.52
C GLY A 16 -8.64 -13.17 -29.46
N LEU A 17 -7.42 -13.10 -28.95
CA LEU A 17 -6.21 -13.04 -29.78
C LEU A 17 -5.20 -14.16 -29.49
N GLY A 18 -5.70 -15.31 -29.04
CA GLY A 18 -4.87 -16.46 -28.77
C GLY A 18 -4.36 -16.53 -27.34
N GLU A 19 -3.31 -17.32 -27.16
CA GLU A 19 -2.74 -17.59 -25.83
C GLU A 19 -1.99 -16.37 -25.30
N PRO A 20 -1.83 -16.26 -23.98
CA PRO A 20 -1.09 -15.16 -23.38
C PRO A 20 0.35 -15.08 -23.93
N ARG A 21 0.87 -13.86 -24.06
CA ARG A 21 2.29 -13.64 -24.29
C ARG A 21 3.09 -13.84 -23.01
N TYR A 22 4.16 -14.62 -23.10
CA TYR A 22 5.00 -14.95 -21.96
C TYR A 22 6.44 -14.58 -22.28
N MET A 23 7.10 -13.91 -21.35
CA MET A 23 8.45 -13.40 -21.55
C MET A 23 9.31 -13.63 -20.29
N GLU A 24 10.51 -14.14 -20.49
CA GLU A 24 11.54 -14.12 -19.42
C GLU A 24 12.76 -13.36 -19.93
N VAL A 25 13.26 -12.43 -19.12
CA VAL A 25 14.51 -11.73 -19.44
C VAL A 25 15.43 -11.81 -18.23
N GLY A 26 16.67 -12.25 -18.47
CA GLY A 26 17.64 -12.46 -17.44
C GLY A 26 18.76 -11.45 -17.48
N TYR A 27 19.26 -11.07 -16.30
CA TYR A 27 20.31 -10.09 -16.13
C TYR A 27 21.31 -10.59 -15.11
N VAL A 28 22.60 -10.41 -15.41
CA VAL A 28 23.66 -10.45 -14.41
C VAL A 28 24.12 -9.01 -14.26
N ASP A 29 24.03 -8.44 -13.07
CA ASP A 29 24.36 -7.03 -12.81
C ASP A 29 24.04 -6.08 -13.97
N ASP A 30 22.82 -5.74 -14.26
CA ASP A 30 22.68 -4.68 -15.28
C ASP A 30 23.01 -5.07 -16.73
N THR A 31 23.50 -6.26 -17.03
CA THR A 31 23.55 -6.69 -18.44
C THR A 31 22.65 -7.86 -18.71
N GLU A 32 21.77 -7.65 -19.67
CA GLU A 32 20.92 -8.68 -20.25
C GLU A 32 21.77 -9.80 -20.81
N PHE A 33 21.46 -11.04 -20.41
CA PHE A 33 22.25 -12.20 -20.85
C PHE A 33 21.43 -13.35 -21.45
N VAL A 34 20.13 -13.44 -21.13
CA VAL A 34 19.22 -14.39 -21.77
C VAL A 34 17.79 -13.82 -21.95
N ARG A 35 17.04 -14.46 -22.84
CA ARG A 35 15.67 -14.06 -23.13
C ARG A 35 14.83 -15.19 -23.70
N PHE A 36 13.59 -15.25 -23.22
CA PHE A 36 12.56 -16.08 -23.82
C PHE A 36 11.36 -15.23 -24.13
N ASP A 37 10.78 -15.47 -25.29
CA ASP A 37 9.63 -14.72 -25.73
C ASP A 37 8.74 -15.63 -26.54
N SER A 38 7.52 -15.84 -26.07
CA SER A 38 6.58 -16.79 -26.66
C SER A 38 6.09 -16.38 -28.04
N ASP A 39 6.18 -15.08 -28.35
CA ASP A 39 5.82 -14.58 -29.67
C ASP A 39 6.96 -14.60 -30.72
N ALA A 40 8.16 -15.02 -30.35
CA ALA A 40 9.26 -15.14 -31.34
C ALA A 40 8.89 -16.13 -32.45
N GLU A 41 9.49 -15.96 -33.62
CA GLU A 41 9.28 -16.88 -34.75
C GLU A 41 9.43 -18.34 -34.30
N ASN A 42 10.53 -18.65 -33.59
CA ASN A 42 10.61 -19.90 -32.86
C ASN A 42 10.97 -19.67 -31.37
N PRO A 43 10.00 -19.86 -30.48
CA PRO A 43 10.25 -19.57 -29.07
C PRO A 43 11.26 -20.53 -28.45
N ARG A 44 12.45 -20.01 -28.19
CA ARG A 44 13.47 -20.72 -27.44
C ARG A 44 14.24 -19.74 -26.56
N TYR A 45 14.84 -20.25 -25.49
CA TYR A 45 15.80 -19.48 -24.73
C TYR A 45 16.95 -19.12 -25.66
N GLU A 46 17.33 -17.85 -25.67
CA GLU A 46 18.47 -17.43 -26.47
C GLU A 46 19.44 -16.52 -25.73
N PRO A 47 20.71 -16.56 -26.14
CA PRO A 47 21.71 -15.71 -25.51
C PRO A 47 21.48 -14.27 -25.89
N ARG A 48 21.82 -13.36 -24.99
CA ARG A 48 21.74 -11.94 -25.24
C ARG A 48 23.08 -11.26 -24.95
N ALA A 49 24.08 -12.05 -24.56
CA ALA A 49 25.43 -11.55 -24.37
C ALA A 49 26.38 -12.57 -24.96
N ARG A 50 27.47 -12.09 -25.57
CA ARG A 50 28.35 -13.00 -26.30
C ARG A 50 28.93 -14.14 -25.45
N TRP A 51 29.23 -13.88 -24.17
CA TRP A 51 29.78 -14.91 -23.29
C TRP A 51 28.88 -16.14 -23.10
N MET A 52 27.56 -15.99 -23.27
CA MET A 52 26.64 -17.12 -23.12
C MET A 52 26.68 -18.11 -24.29
N GLU A 53 27.20 -17.66 -25.42
CA GLU A 53 27.41 -18.54 -26.58
C GLU A 53 28.32 -19.74 -26.28
N GLN A 54 29.09 -19.65 -25.21
CA GLN A 54 29.97 -20.75 -24.76
C GLN A 54 29.19 -21.88 -24.11
N GLU A 55 28.04 -21.58 -23.52
CA GLU A 55 27.16 -22.62 -23.00
C GLU A 55 26.73 -23.49 -24.16
N GLY A 56 26.81 -24.81 -23.98
CA GLY A 56 26.47 -25.76 -25.01
C GLY A 56 24.97 -26.03 -25.11
N PRO A 57 24.58 -26.81 -26.13
CA PRO A 57 23.16 -27.10 -26.41
C PRO A 57 22.34 -27.69 -25.26
N GLU A 58 22.96 -28.35 -24.29
CA GLU A 58 22.23 -28.90 -23.14
C GLU A 58 21.70 -27.78 -22.25
N TYR A 59 22.47 -26.70 -22.10
CA TYR A 59 21.99 -25.50 -21.42
C TYR A 59 20.74 -24.95 -22.11
N TRP A 60 20.82 -24.72 -23.41
CA TRP A 60 19.74 -24.08 -24.15
C TRP A 60 18.45 -24.90 -24.26
N GLU A 61 18.59 -26.23 -24.32
CA GLU A 61 17.44 -27.12 -24.40
C GLU A 61 16.76 -27.24 -23.03
N ARG A 62 17.55 -27.25 -21.96
CA ARG A 62 17.00 -27.34 -20.60
C ARG A 62 16.24 -26.09 -20.22
N GLU A 63 16.83 -24.93 -20.52
CA GLU A 63 16.24 -23.66 -20.15
C GLU A 63 15.02 -23.40 -21.02
N THR A 64 15.09 -23.84 -22.26
CA THR A 64 13.93 -23.73 -23.14
C THR A 64 12.75 -24.52 -22.60
N GLN A 65 12.99 -25.74 -22.13
CA GLN A 65 11.90 -26.59 -21.67
C GLN A 65 11.33 -26.06 -20.34
N LYS A 66 12.21 -25.61 -19.47
CA LYS A 66 11.82 -24.90 -18.26
C LYS A 66 10.91 -23.70 -18.55
N ALA A 67 11.30 -22.90 -19.55
CA ALA A 67 10.55 -21.70 -19.91
C ALA A 67 9.17 -22.06 -20.47
N LYS A 68 9.09 -23.10 -21.31
CA LYS A 68 7.80 -23.54 -21.85
C LYS A 68 6.88 -24.07 -20.74
N GLY A 69 7.48 -24.73 -19.74
CA GLY A 69 6.75 -25.19 -18.58
C GLY A 69 6.24 -24.02 -17.75
N ASN A 70 7.10 -23.03 -17.54
CA ASN A 70 6.70 -21.83 -16.82
C ASN A 70 5.58 -21.09 -17.53
N GLU A 71 5.67 -20.99 -18.86
CA GLU A 71 4.61 -20.42 -19.69
C GLU A 71 3.22 -21.02 -19.42
N GLN A 72 3.14 -22.34 -19.41
CA GLN A 72 1.88 -23.04 -19.19
C GLN A 72 1.39 -22.81 -17.76
N SER A 73 2.31 -22.82 -16.82
CA SER A 73 2.04 -22.55 -15.42
C SER A 73 1.40 -21.16 -15.23
N PHE A 74 1.89 -20.16 -15.94
CA PHE A 74 1.39 -18.80 -15.77
C PHE A 74 0.09 -18.59 -16.52
N ARG A 75 -0.13 -19.40 -17.54
CA ARG A 75 -1.37 -19.42 -18.30
C ARG A 75 -2.51 -19.90 -17.39
N VAL A 76 -2.20 -20.92 -16.59
CA VAL A 76 -3.14 -21.47 -15.62
C VAL A 76 -3.38 -20.43 -14.53
N ASP A 77 -2.30 -19.77 -14.07
CA ASP A 77 -2.40 -18.74 -13.04
C ASP A 77 -3.36 -17.63 -13.44
N LEU A 78 -3.25 -17.18 -14.67
CA LEU A 78 -4.09 -16.12 -15.18
C LEU A 78 -5.57 -16.52 -15.11
N ARG A 79 -5.88 -17.75 -15.50
CA ARG A 79 -7.23 -18.29 -15.39
C ARG A 79 -7.68 -18.35 -13.93
N THR A 80 -6.81 -18.86 -13.07
CA THR A 80 -7.06 -18.97 -11.64
C THR A 80 -7.39 -17.63 -10.99
N LEU A 81 -6.64 -16.60 -11.36
CA LEU A 81 -6.77 -15.31 -10.72
C LEU A 81 -8.04 -14.59 -11.16
N LEU A 82 -8.55 -14.90 -12.36
CA LEU A 82 -9.89 -14.45 -12.72
C LEU A 82 -10.93 -14.98 -11.73
N GLY A 83 -10.77 -16.23 -11.29
CA GLY A 83 -11.64 -16.77 -10.25
C GLY A 83 -11.48 -16.10 -8.90
N TYR A 84 -10.25 -15.95 -8.42
CA TYR A 84 -10.04 -15.33 -7.11
C TYR A 84 -10.65 -13.92 -7.02
N TYR A 85 -10.54 -13.17 -8.11
CA TYR A 85 -10.95 -11.76 -8.13
C TYR A 85 -12.31 -11.54 -8.77
N ASN A 86 -12.99 -12.62 -9.14
CA ASN A 86 -14.32 -12.54 -9.73
C ASN A 86 -14.35 -11.62 -10.96
N GLN A 87 -13.39 -11.82 -11.85
CA GLN A 87 -13.24 -11.00 -13.07
C GLN A 87 -13.71 -11.77 -14.30
N SER A 88 -14.11 -11.03 -15.35
CA SER A 88 -14.64 -11.64 -16.58
C SER A 88 -13.52 -12.11 -17.51
N LYS A 89 -13.90 -12.93 -18.49
CA LYS A 89 -12.93 -13.54 -19.40
C LYS A 89 -12.48 -12.64 -20.58
N GLY A 90 -13.12 -11.49 -20.75
CA GLY A 90 -12.84 -10.60 -21.87
C GLY A 90 -11.69 -9.63 -21.74
N GLY A 91 -11.19 -9.40 -20.53
CA GLY A 91 -10.15 -8.41 -20.28
C GLY A 91 -8.74 -8.97 -20.31
N SER A 92 -7.77 -8.08 -20.55
CA SER A 92 -6.35 -8.44 -20.49
C SER A 92 -5.85 -8.21 -19.08
N HIS A 93 -5.04 -9.13 -18.59
CA HIS A 93 -4.43 -9.04 -17.27
C HIS A 93 -2.98 -9.49 -17.31
N THR A 94 -2.23 -9.06 -16.30
CA THR A 94 -0.76 -9.23 -16.24
C THR A 94 -0.33 -9.85 -14.92
N ILE A 95 0.50 -10.90 -15.01
CA ILE A 95 1.26 -11.41 -13.88
C ILE A 95 2.74 -11.01 -14.15
N GLN A 96 3.40 -10.44 -13.14
CA GLN A 96 4.83 -10.18 -13.17
C GLN A 96 5.53 -10.88 -12.01
N VAL A 97 6.74 -11.35 -12.25
CA VAL A 97 7.58 -11.92 -11.22
C VAL A 97 9.00 -11.40 -11.36
N ILE A 98 9.60 -11.05 -10.23
CA ILE A 98 11.03 -10.80 -10.15
C ILE A 98 11.59 -11.90 -9.25
N SER A 99 12.61 -12.59 -9.76
CA SER A 99 13.17 -13.76 -9.11
C SER A 99 14.69 -13.70 -9.22
N GLY A 100 15.40 -13.97 -8.13
CA GLY A 100 16.84 -13.90 -8.17
C GLY A 100 17.59 -13.91 -6.87
N CYS A 101 18.90 -13.72 -6.98
CA CYS A 101 19.78 -13.72 -5.84
C CYS A 101 20.94 -12.73 -6.01
N GLU A 102 21.41 -12.20 -4.90
CA GLU A 102 22.63 -11.39 -4.86
C GLU A 102 23.65 -12.07 -3.99
N VAL A 103 24.90 -12.14 -4.47
CA VAL A 103 26.03 -12.59 -3.69
C VAL A 103 26.98 -11.45 -3.42
N GLY A 104 27.67 -11.50 -2.28
CA GLY A 104 28.73 -10.56 -1.97
C GLY A 104 30.02 -10.92 -2.69
N SER A 105 31.05 -10.12 -2.49
CA SER A 105 32.32 -10.29 -3.18
C SER A 105 33.00 -11.61 -2.83
N ASP A 106 32.63 -12.19 -1.69
CA ASP A 106 33.08 -13.53 -1.30
C ASP A 106 32.33 -14.69 -2.00
N GLY A 107 31.46 -14.36 -2.96
CA GLY A 107 30.64 -15.36 -3.64
C GLY A 107 29.51 -15.99 -2.84
N ARG A 108 29.22 -15.48 -1.64
CA ARG A 108 28.15 -16.05 -0.80
C ARG A 108 26.84 -15.27 -0.85
N LEU A 109 25.74 -15.96 -0.59
CA LEU A 109 24.42 -15.36 -0.67
C LEU A 109 24.27 -14.19 0.30
N LEU A 110 23.80 -13.07 -0.24
CA LEU A 110 23.44 -11.89 0.54
C LEU A 110 21.93 -11.89 0.71
N ARG A 111 21.22 -12.03 -0.40
CA ARG A 111 19.77 -12.14 -0.36
C ARG A 111 19.20 -12.82 -1.58
N GLY A 112 18.08 -13.50 -1.38
CA GLY A 112 17.27 -14.05 -2.43
C GLY A 112 15.89 -13.40 -2.40
N TYR A 113 15.16 -13.52 -3.50
CA TYR A 113 13.86 -12.90 -3.59
C TYR A 113 13.04 -13.53 -4.70
N GLN A 114 11.74 -13.56 -4.45
CA GLN A 114 10.76 -13.93 -5.43
C GLN A 114 9.49 -13.16 -5.10
N GLN A 115 9.15 -12.16 -5.89
CA GLN A 115 7.94 -11.38 -5.69
C GLN A 115 7.05 -11.43 -6.93
N TYR A 116 5.74 -11.53 -6.69
CA TYR A 116 4.75 -11.56 -7.76
C TYR A 116 3.85 -10.35 -7.67
N ALA A 117 3.37 -9.93 -8.84
CA ALA A 117 2.37 -8.89 -8.95
C ALA A 117 1.28 -9.30 -9.94
N TYR A 118 0.09 -8.75 -9.71
CA TYR A 118 -1.05 -8.94 -10.59
C TYR A 118 -1.61 -7.58 -10.93
N ASP A 119 -1.78 -7.31 -12.22
CA ASP A 119 -2.23 -6.00 -12.71
C ASP A 119 -1.52 -4.82 -12.05
N GLY A 120 -0.22 -4.97 -11.83
CA GLY A 120 0.62 -3.88 -11.36
C GLY A 120 0.63 -3.65 -9.86
N CYS A 121 0.03 -4.55 -9.09
CA CYS A 121 -0.01 -4.44 -7.63
C CYS A 121 0.60 -5.67 -6.97
N ASP A 122 1.27 -5.44 -5.85
CA ASP A 122 1.81 -6.51 -5.02
C ASP A 122 0.77 -7.60 -4.85
N TYR A 123 1.21 -8.85 -5.04
CA TYR A 123 0.35 -10.01 -4.87
C TYR A 123 0.86 -10.88 -3.72
N ILE A 124 1.97 -11.56 -3.92
CA ILE A 124 2.60 -12.38 -2.90
C ILE A 124 4.12 -12.28 -3.06
N ALA A 125 4.85 -12.49 -1.97
CA ALA A 125 6.29 -12.34 -1.99
C ALA A 125 6.92 -13.19 -0.89
N LEU A 126 8.04 -13.80 -1.22
CA LEU A 126 8.84 -14.50 -0.23
C LEU A 126 9.51 -13.48 0.68
N ASN A 127 9.43 -13.70 1.98
CA ASN A 127 10.12 -12.86 2.96
C ASN A 127 11.63 -13.08 2.96
N GLU A 128 12.37 -12.18 3.61
CA GLU A 128 13.83 -12.24 3.67
C GLU A 128 14.35 -13.51 4.33
N ASP A 129 13.56 -14.09 5.24
CA ASP A 129 13.90 -15.36 5.89
C ASP A 129 13.96 -16.56 4.93
N LEU A 130 13.36 -16.44 3.74
CA LEU A 130 13.26 -17.53 2.75
C LEU A 130 12.44 -18.73 3.26
N LYS A 131 11.55 -18.44 4.22
CA LYS A 131 10.73 -19.45 4.87
C LYS A 131 9.22 -19.18 4.75
N THR A 132 8.82 -17.91 4.75
CA THR A 132 7.40 -17.54 4.76
C THR A 132 7.08 -16.51 3.70
N TRP A 133 5.78 -16.36 3.45
CA TRP A 133 5.23 -15.46 2.44
C TRP A 133 4.46 -14.29 3.06
N THR A 134 4.54 -13.12 2.43
CA THR A 134 3.66 -11.99 2.67
C THR A 134 2.64 -11.91 1.54
N ALA A 135 1.37 -12.09 1.87
CA ALA A 135 0.27 -11.92 0.92
C ALA A 135 -0.32 -10.52 1.03
N ALA A 136 -0.41 -9.82 -0.12
CA ALA A 136 -0.87 -8.43 -0.17
C ALA A 136 -2.40 -8.28 -0.04
N ASP A 137 -3.14 -9.34 -0.35
CA ASP A 137 -4.60 -9.36 -0.14
C ASP A 137 -5.12 -10.77 0.11
N MET A 138 -6.43 -10.97 0.06
CA MET A 138 -7.02 -12.25 0.45
C MET A 138 -7.08 -13.27 -0.66
N ALA A 139 -7.10 -12.79 -1.90
CA ALA A 139 -6.86 -13.68 -3.04
C ALA A 139 -5.50 -14.34 -2.85
N ALA A 140 -4.49 -13.55 -2.50
CA ALA A 140 -3.12 -14.06 -2.36
C ALA A 140 -2.95 -14.96 -1.15
N LEU A 141 -3.88 -14.85 -0.19
CA LEU A 141 -3.92 -15.73 0.98
C LEU A 141 -4.25 -17.16 0.56
N ILE A 142 -5.13 -17.31 -0.43
CA ILE A 142 -5.39 -18.63 -1.00
C ILE A 142 -4.06 -19.23 -1.53
N THR A 143 -3.33 -18.46 -2.33
CA THR A 143 -2.03 -18.89 -2.87
C THR A 143 -1.06 -19.24 -1.76
N LYS A 144 -0.97 -18.36 -0.76
CA LYS A 144 -0.08 -18.56 0.38
C LYS A 144 -0.35 -19.92 0.99
N HIS A 145 -1.62 -20.26 1.17
CA HIS A 145 -2.00 -21.50 1.80
C HIS A 145 -1.66 -22.70 0.92
N LYS A 146 -1.96 -22.64 -0.38
CA LYS A 146 -1.57 -23.69 -1.32
C LYS A 146 -0.07 -23.95 -1.30
N TRP A 147 0.70 -22.87 -1.30
CA TRP A 147 2.17 -22.93 -1.36
C TRP A 147 2.77 -23.44 -0.06
N GLU A 148 2.08 -23.23 1.06
CA GLU A 148 2.52 -23.74 2.36
C GLU A 148 2.29 -25.24 2.52
N GLN A 149 1.23 -25.77 1.90
CA GLN A 149 0.95 -27.20 1.95
C GLN A 149 1.91 -27.95 1.04
N ALA A 150 2.37 -27.29 0.00
CA ALA A 150 3.19 -27.95 -1.02
C ALA A 150 4.68 -27.83 -0.75
N GLY A 151 5.07 -27.17 0.35
CA GLY A 151 6.48 -27.03 0.66
C GLY A 151 7.20 -26.14 -0.34
N GLU A 152 6.43 -25.26 -0.97
CA GLU A 152 6.95 -24.36 -1.99
C GLU A 152 8.14 -23.52 -1.52
N ALA A 153 8.13 -23.08 -0.27
CA ALA A 153 9.11 -22.14 0.23
C ALA A 153 10.48 -22.76 0.43
N GLU A 154 10.56 -24.02 0.87
CA GLU A 154 11.86 -24.67 1.00
C GLU A 154 12.40 -25.08 -0.35
N ARG A 155 11.49 -25.40 -1.27
CA ARG A 155 11.84 -25.64 -2.66
C ARG A 155 12.49 -24.40 -3.26
N LEU A 156 11.87 -23.24 -3.03
CA LEU A 156 12.41 -21.97 -3.51
C LEU A 156 13.73 -21.67 -2.83
N ARG A 157 13.75 -21.83 -1.50
CA ARG A 157 14.95 -21.61 -0.70
C ARG A 157 16.14 -22.39 -1.25
N ALA A 158 15.90 -23.65 -1.62
CA ALA A 158 16.96 -24.54 -2.11
C ALA A 158 17.51 -24.05 -3.43
N TYR A 159 16.65 -23.54 -4.29
CA TYR A 159 17.07 -22.89 -5.54
C TYR A 159 17.91 -21.64 -5.25
N LEU A 160 17.45 -20.78 -4.34
CA LEU A 160 18.13 -19.51 -4.09
C LEU A 160 19.51 -19.68 -3.45
N GLU A 161 19.64 -20.64 -2.54
CA GLU A 161 20.90 -20.90 -1.86
C GLU A 161 21.80 -21.84 -2.66
N GLY A 162 21.19 -22.67 -3.51
CA GLY A 162 21.88 -23.66 -4.29
C GLY A 162 22.06 -23.19 -5.73
N THR A 163 21.12 -23.56 -6.59
CA THR A 163 21.21 -23.32 -8.03
C THR A 163 21.52 -21.86 -8.40
N CYS A 164 20.80 -20.94 -7.79
CA CYS A 164 20.85 -19.55 -8.20
C CYS A 164 22.26 -19.01 -8.02
N VAL A 165 22.79 -19.20 -6.80
CA VAL A 165 24.12 -18.71 -6.49
C VAL A 165 25.21 -19.43 -7.30
N GLU A 166 25.04 -20.73 -7.53
CA GLU A 166 26.02 -21.52 -8.24
C GLU A 166 26.08 -21.11 -9.72
N TRP A 167 24.92 -20.84 -10.33
CA TRP A 167 24.90 -20.39 -11.72
C TRP A 167 25.39 -18.94 -11.85
N LEU A 168 25.10 -18.09 -10.87
CA LEU A 168 25.62 -16.72 -10.87
C LEU A 168 27.14 -16.71 -10.92
N ARG A 169 27.80 -17.50 -10.06
CA ARG A 169 29.26 -17.59 -10.04
C ARG A 169 29.80 -18.10 -11.37
N ARG A 170 29.11 -19.07 -11.96
CA ARG A 170 29.49 -19.61 -13.26
C ARG A 170 29.43 -18.50 -14.31
N TYR A 171 28.33 -17.74 -14.33
CA TYR A 171 28.17 -16.65 -15.30
C TYR A 171 29.22 -15.58 -15.10
N LEU A 172 29.57 -15.28 -13.85
CA LEU A 172 30.52 -14.22 -13.56
C LEU A 172 31.92 -14.62 -14.01
N LYS A 173 32.19 -15.91 -14.00
CA LYS A 173 33.47 -16.46 -14.39
C LYS A 173 33.55 -16.52 -15.91
N ASN A 174 32.55 -17.12 -16.54
CA ASN A 174 32.52 -17.26 -17.99
C ASN A 174 32.44 -15.92 -18.71
N GLY A 175 31.80 -14.96 -18.07
CA GLY A 175 31.61 -13.65 -18.67
C GLY A 175 32.40 -12.56 -17.99
N ASN A 176 33.43 -12.90 -17.23
CA ASN A 176 34.13 -11.92 -16.38
C ASN A 176 34.70 -10.68 -17.10
N ALA A 177 35.18 -10.85 -18.33
CA ALA A 177 35.75 -9.75 -19.10
C ALA A 177 34.69 -8.70 -19.49
N THR A 178 33.43 -9.13 -19.55
CA THR A 178 32.29 -8.24 -19.76
C THR A 178 31.69 -7.75 -18.45
N LEU A 179 31.43 -8.68 -17.54
CA LEU A 179 30.69 -8.37 -16.31
C LEU A 179 31.54 -7.63 -15.26
N LEU A 180 32.81 -8.01 -15.14
CA LEU A 180 33.70 -7.40 -14.14
C LEU A 180 34.44 -6.14 -14.64
N ARG A 181 34.17 -5.69 -15.85
CA ARG A 181 34.82 -4.50 -16.37
C ARG A 181 34.24 -3.23 -15.75
N THR A 182 34.95 -2.12 -15.92
CA THR A 182 34.42 -0.81 -15.57
C THR A 182 34.73 0.15 -16.73
N ASP A 183 33.68 0.74 -17.30
CA ASP A 183 33.82 1.83 -18.27
C ASP A 183 33.52 3.12 -17.55
N SER A 184 34.50 4.03 -17.57
CA SER A 184 34.41 5.31 -16.89
C SER A 184 33.47 6.26 -17.61
N PRO A 185 32.67 7.04 -16.88
CA PRO A 185 31.85 8.07 -17.52
C PRO A 185 32.73 9.19 -18.09
N LYS A 186 32.42 9.60 -19.31
CA LYS A 186 32.92 10.85 -19.88
C LYS A 186 31.78 11.86 -19.80
N ALA A 187 32.09 13.08 -19.39
CA ALA A 187 31.06 14.05 -19.04
C ALA A 187 31.20 15.34 -19.82
N HIS A 188 30.10 16.06 -19.96
CA HIS A 188 30.09 17.42 -20.49
C HIS A 188 28.84 18.19 -20.06
N VAL A 189 28.85 19.50 -20.29
CA VAL A 189 27.77 20.39 -19.87
C VAL A 189 27.20 21.16 -21.06
N THR A 190 25.88 21.13 -21.20
CA THR A 190 25.16 21.96 -22.16
C THR A 190 24.44 23.10 -21.43
N HIS A 191 24.03 24.11 -22.20
CA HIS A 191 23.52 25.39 -21.70
C HIS A 191 22.30 25.79 -22.55
N HIS A 192 21.19 26.17 -21.91
CA HIS A 192 19.96 26.56 -22.62
C HIS A 192 19.33 27.79 -21.99
N SER A 193 18.90 28.72 -22.84
CA SER A 193 18.23 29.93 -22.39
C SER A 193 16.83 29.64 -21.87
N ARG A 194 16.43 30.37 -20.84
CA ARG A 194 15.07 30.39 -20.31
C ARG A 194 14.55 31.83 -20.38
N PRO A 195 13.25 32.05 -20.25
CA PRO A 195 12.74 33.41 -20.06
C PRO A 195 13.04 33.87 -18.62
N GLU A 196 13.25 35.19 -18.46
CA GLU A 196 13.40 35.83 -17.15
C GLU A 196 14.86 35.83 -16.64
N ASP A 197 15.81 35.94 -17.56
CA ASP A 197 17.23 36.06 -17.23
C ASP A 197 17.71 34.89 -16.36
N LYS A 198 17.33 33.70 -16.79
CA LYS A 198 17.80 32.46 -16.18
C LYS A 198 18.24 31.47 -17.27
N VAL A 199 18.82 30.36 -16.83
CA VAL A 199 19.58 29.47 -17.70
C VAL A 199 19.57 28.05 -17.12
N THR A 200 19.31 27.05 -17.97
CA THR A 200 19.46 25.65 -17.60
C THR A 200 20.86 25.14 -17.95
N LEU A 201 21.60 24.69 -16.94
CA LEU A 201 22.83 23.92 -17.17
C LEU A 201 22.53 22.42 -17.01
N ARG A 202 22.78 21.65 -18.06
CA ARG A 202 22.58 20.20 -18.02
C ARG A 202 23.92 19.46 -18.02
N CYS A 203 24.17 18.66 -16.99
CA CYS A 203 25.35 17.83 -16.91
C CYS A 203 25.07 16.41 -17.41
N TRP A 204 25.86 15.97 -18.40
CA TRP A 204 25.71 14.65 -19.02
C TRP A 204 26.84 13.76 -18.59
N ALA A 205 26.52 12.48 -18.36
CA ALA A 205 27.52 11.41 -18.19
C ALA A 205 27.19 10.31 -19.17
N LEU A 206 28.17 9.96 -20.01
CA LEU A 206 27.99 8.97 -21.07
C LEU A 206 29.01 7.85 -20.95
N GLY A 207 28.67 6.69 -21.50
CA GLY A 207 29.62 5.62 -21.72
C GLY A 207 30.03 4.76 -20.55
N PHE A 208 29.21 4.65 -19.51
CA PHE A 208 29.66 3.99 -18.28
C PHE A 208 29.01 2.63 -17.98
N TYR A 209 29.80 1.78 -17.34
CA TYR A 209 29.34 0.48 -16.81
C TYR A 209 30.15 0.23 -15.54
N PRO A 210 29.57 -0.27 -14.45
CA PRO A 210 28.13 -0.56 -14.30
C PRO A 210 27.21 0.65 -14.30
N ALA A 211 25.92 0.40 -14.08
CA ALA A 211 24.90 1.43 -14.21
C ALA A 211 24.90 2.43 -13.07
N ASP A 212 25.26 1.98 -11.87
CA ASP A 212 25.25 2.85 -10.68
C ASP A 212 26.16 4.08 -10.88
N ILE A 213 25.55 5.27 -10.82
CA ILE A 213 26.24 6.55 -10.94
C ILE A 213 25.53 7.60 -10.06
N THR A 214 26.24 8.68 -9.76
CA THR A 214 25.67 9.82 -9.04
C THR A 214 26.18 11.13 -9.66
N LEU A 215 25.25 11.98 -10.09
CA LEU A 215 25.56 13.32 -10.59
C LEU A 215 25.00 14.36 -9.63
N THR A 216 25.85 15.28 -9.17
CA THR A 216 25.40 16.40 -8.35
C THR A 216 25.79 17.71 -9.00
N TRP A 217 25.05 18.76 -8.64
CA TRP A 217 25.45 20.12 -8.96
C TRP A 217 25.84 20.81 -7.66
N GLN A 218 26.80 21.71 -7.76
CA GLN A 218 27.37 22.39 -6.61
C GLN A 218 27.45 23.89 -6.85
N LEU A 219 27.63 24.63 -5.77
CA LEU A 219 27.81 26.07 -5.79
C LEU A 219 28.52 26.44 -4.49
N ASN A 220 29.82 26.71 -4.56
CA ASN A 220 30.66 26.98 -3.38
C ASN A 220 30.99 25.75 -2.51
N GLY A 221 30.29 24.64 -2.70
CA GLY A 221 30.42 23.49 -1.82
C GLY A 221 29.10 22.92 -1.31
N GLU A 222 28.01 23.66 -1.49
CA GLU A 222 26.67 23.14 -1.17
C GLU A 222 26.10 22.38 -2.37
N GLU A 223 25.55 21.20 -2.11
CA GLU A 223 24.89 20.41 -3.14
C GLU A 223 23.47 20.95 -3.30
N LEU A 224 23.10 21.23 -4.55
CA LEU A 224 21.84 21.89 -4.86
C LEU A 224 20.79 20.88 -5.25
N ILE A 225 20.53 19.89 -4.40
CA ILE A 225 19.52 18.87 -4.69
C ILE A 225 18.09 19.45 -4.71
N GLN A 226 17.95 20.69 -4.19
CA GLN A 226 16.64 21.32 -4.02
C GLN A 226 16.14 22.06 -5.28
N ASP A 227 16.91 21.99 -6.37
CA ASP A 227 16.56 22.63 -7.64
C ASP A 227 17.16 21.85 -8.82
N MET A 228 16.89 20.54 -8.86
CA MET A 228 17.53 19.65 -9.81
C MET A 228 16.50 18.81 -10.57
N GLU A 229 16.51 18.92 -11.90
CA GLU A 229 15.81 17.94 -12.74
C GLU A 229 16.78 16.83 -13.08
N LEU A 230 16.28 15.60 -13.22
CA LEU A 230 17.11 14.50 -13.69
C LEU A 230 16.29 13.41 -14.38
N VAL A 231 17.01 12.55 -15.10
CA VAL A 231 16.43 11.33 -15.64
C VAL A 231 17.02 10.14 -14.89
N GLU A 232 16.24 9.06 -14.83
CA GLU A 232 16.74 7.79 -14.38
C GLU A 232 17.82 7.29 -15.35
N THR A 233 18.84 6.66 -14.77
CA THR A 233 19.94 6.11 -15.53
C THR A 233 19.37 5.16 -16.55
N ARG A 234 19.88 5.23 -17.77
CA ARG A 234 19.30 4.53 -18.88
C ARG A 234 20.33 3.89 -19.81
N PRO A 235 19.97 2.74 -20.38
CA PRO A 235 20.86 2.03 -21.30
C PRO A 235 20.99 2.75 -22.65
N ALA A 236 22.16 2.59 -23.28
CA ALA A 236 22.54 3.35 -24.49
C ALA A 236 22.74 2.47 -25.71
N GLY A 237 22.37 1.19 -25.59
CA GLY A 237 22.27 0.33 -26.75
C GLY A 237 23.44 -0.59 -27.05
N ASP A 238 24.50 -0.48 -26.25
CA ASP A 238 25.74 -1.27 -26.40
C ASP A 238 26.26 -1.81 -25.06
N GLY A 239 25.41 -1.91 -24.05
CA GLY A 239 25.83 -2.47 -22.78
C GLY A 239 26.39 -1.44 -21.82
N THR A 240 26.39 -0.18 -22.21
CA THR A 240 26.74 0.92 -21.33
C THR A 240 25.51 1.78 -21.02
N PHE A 241 25.70 2.74 -20.11
CA PHE A 241 24.60 3.54 -19.58
C PHE A 241 24.88 5.03 -19.71
N GLN A 242 23.84 5.83 -19.49
CA GLN A 242 23.98 7.29 -19.53
C GLN A 242 23.02 7.97 -18.54
N LYS A 243 23.32 9.22 -18.20
CA LYS A 243 22.48 10.01 -17.28
C LYS A 243 22.74 11.50 -17.44
N TRP A 244 21.72 12.31 -17.18
CA TRP A 244 21.92 13.74 -17.03
C TRP A 244 21.16 14.31 -15.84
N ALA A 245 21.75 15.38 -15.26
CA ALA A 245 21.13 16.18 -14.23
C ALA A 245 21.26 17.65 -14.60
N SER A 246 20.16 18.39 -14.51
CA SER A 246 20.19 19.83 -14.78
C SER A 246 19.81 20.66 -13.57
N VAL A 247 20.15 21.94 -13.64
CA VAL A 247 19.82 22.93 -12.63
C VAL A 247 19.59 24.27 -13.34
N VAL A 248 18.71 25.09 -12.78
CA VAL A 248 18.37 26.41 -13.33
C VAL A 248 19.09 27.47 -12.50
N VAL A 249 19.87 28.31 -13.17
CA VAL A 249 20.72 29.30 -12.50
C VAL A 249 20.55 30.68 -13.17
N PRO A 250 20.85 31.77 -12.45
CA PRO A 250 20.81 33.11 -13.04
C PRO A 250 21.79 33.32 -14.19
N LEU A 251 21.35 33.96 -15.27
CA LEU A 251 22.23 34.32 -16.40
C LEU A 251 23.44 35.12 -15.91
N GLY A 252 24.62 34.79 -16.43
CA GLY A 252 25.86 35.43 -16.02
C GLY A 252 26.49 34.91 -14.73
N LYS A 253 25.89 33.90 -14.11
CA LYS A 253 26.39 33.33 -12.86
C LYS A 253 26.73 31.84 -13.00
N GLU A 254 26.78 31.34 -14.23
CA GLU A 254 26.90 29.89 -14.44
C GLU A 254 28.33 29.36 -14.25
N GLN A 255 29.29 30.25 -13.99
CA GLN A 255 30.69 29.87 -13.83
C GLN A 255 31.00 29.45 -12.38
N TYR A 256 30.06 29.68 -11.47
CA TYR A 256 30.20 29.30 -10.07
C TYR A 256 29.53 27.96 -9.77
N TYR A 257 28.88 27.37 -10.77
CA TYR A 257 28.24 26.07 -10.61
C TYR A 257 29.14 24.97 -11.19
N THR A 258 29.33 23.89 -10.43
CA THR A 258 30.13 22.74 -10.86
C THR A 258 29.31 21.45 -10.80
N CYS A 259 29.40 20.67 -11.86
CA CYS A 259 28.84 19.33 -11.86
C CYS A 259 29.89 18.37 -11.33
N HIS A 260 29.47 17.43 -10.50
CA HIS A 260 30.36 16.38 -10.02
C HIS A 260 29.82 15.00 -10.41
N VAL A 261 30.70 14.13 -10.89
CA VAL A 261 30.29 12.80 -11.36
C VAL A 261 31.03 11.76 -10.55
N TYR A 262 30.26 10.87 -9.94
CA TYR A 262 30.79 9.84 -9.06
C TYR A 262 30.51 8.48 -9.67
N HIS A 263 31.57 7.71 -9.92
CA HIS A 263 31.44 6.37 -10.50
C HIS A 263 32.60 5.49 -10.09
N GLN A 264 32.32 4.20 -9.90
CA GLN A 264 33.33 3.25 -9.45
C GLN A 264 34.46 3.07 -10.45
N GLY A 265 34.19 3.33 -11.72
CA GLY A 265 35.20 3.36 -12.76
C GLY A 265 36.22 4.47 -12.64
N LEU A 266 35.83 5.60 -12.04
CA LEU A 266 36.73 6.75 -11.89
C LEU A 266 37.69 6.61 -10.69
N PRO A 267 38.98 6.89 -10.88
CA PRO A 267 39.93 6.93 -9.76
C PRO A 267 39.60 8.04 -8.75
N GLU A 268 39.10 9.16 -9.27
CA GLU A 268 38.59 10.27 -8.45
C GLU A 268 37.36 10.90 -9.14
N PRO A 269 36.38 11.40 -8.36
CA PRO A 269 35.20 12.04 -8.94
C PRO A 269 35.56 13.11 -9.98
N LEU A 270 34.79 13.19 -11.06
CA LEU A 270 35.00 14.24 -12.06
C LEU A 270 34.34 15.54 -11.63
N THR A 271 34.97 16.65 -11.99
CA THR A 271 34.43 17.98 -11.78
C THR A 271 34.48 18.74 -13.09
N LEU A 272 33.39 19.41 -13.46
CA LEU A 272 33.38 20.26 -14.65
C LEU A 272 32.34 21.38 -14.58
N ARG A 273 32.51 22.37 -15.46
CA ARG A 273 31.62 23.51 -15.59
C ARG A 273 31.22 23.71 -17.06
N TRP A 274 30.42 24.73 -17.33
CA TRP A 274 30.06 25.06 -18.71
C TRP A 274 31.27 25.68 -19.42
N GLU A 275 31.49 25.25 -20.66
CA GLU A 275 32.55 25.79 -21.52
C GLU A 275 31.89 26.66 -22.60
N PRO A 276 32.07 27.98 -22.51
CA PRO A 276 31.51 28.92 -23.49
C PRO A 276 32.39 29.09 -24.72
N ILE B 1 -4.10 -0.40 -12.27
CA ILE B 1 -3.31 0.85 -12.47
C ILE B 1 -3.10 1.15 -13.96
N GLN B 2 -3.20 2.43 -14.30
CA GLN B 2 -2.78 2.91 -15.60
C GLN B 2 -1.64 3.90 -15.40
N LYS B 3 -0.58 3.74 -16.21
CA LYS B 3 0.57 4.62 -16.13
C LYS B 3 1.05 4.98 -17.53
N THR B 4 1.18 6.29 -17.76
CA THR B 4 1.58 6.83 -19.04
C THR B 4 3.09 6.68 -19.23
N PRO B 5 3.51 6.17 -20.38
CA PRO B 5 4.95 6.03 -20.67
C PRO B 5 5.69 7.36 -20.75
N GLN B 6 6.83 7.42 -20.08
CA GLN B 6 7.81 8.48 -20.29
C GLN B 6 8.73 8.02 -21.42
N ILE B 7 8.86 8.87 -22.44
CA ILE B 7 9.58 8.54 -23.65
C ILE B 7 10.82 9.42 -23.76
N GLN B 8 11.99 8.80 -23.86
CA GLN B 8 13.25 9.53 -23.92
C GLN B 8 14.09 9.10 -25.15
N VAL B 9 14.60 10.07 -25.88
CA VAL B 9 15.33 9.81 -27.12
C VAL B 9 16.74 10.40 -27.05
N TYR B 10 17.75 9.59 -27.37
CA TYR B 10 19.14 9.99 -27.19
C TYR B 10 20.10 9.11 -27.96
N SER B 11 21.22 9.69 -28.37
CA SER B 11 22.30 8.95 -29.00
C SER B 11 23.30 8.43 -27.94
N ARG B 12 24.08 7.41 -28.33
CA ARG B 12 25.05 6.81 -27.44
C ARG B 12 26.24 7.77 -27.24
N HIS B 13 26.67 8.38 -28.34
CA HIS B 13 27.77 9.34 -28.37
C HIS B 13 27.24 10.73 -28.66
N PRO B 14 27.98 11.77 -28.30
CA PRO B 14 27.66 13.13 -28.75
C PRO B 14 27.57 13.12 -30.27
N PRO B 15 26.52 13.68 -30.86
CA PRO B 15 26.28 13.49 -32.29
C PRO B 15 27.22 14.31 -33.16
N GLU B 16 27.90 13.63 -34.08
CA GLU B 16 28.78 14.25 -35.05
C GLU B 16 28.39 13.73 -36.43
N ASN B 17 28.15 14.66 -37.36
CA ASN B 17 27.80 14.32 -38.73
C ASN B 17 28.88 13.47 -39.39
N GLY B 18 28.45 12.40 -40.08
CA GLY B 18 29.35 11.48 -40.74
C GLY B 18 29.87 10.36 -39.86
N LYS B 19 29.63 10.41 -38.56
CA LYS B 19 30.19 9.47 -37.58
C LYS B 19 29.13 8.47 -37.07
N PRO B 20 29.38 7.15 -37.25
CA PRO B 20 28.43 6.13 -36.78
C PRO B 20 28.12 6.25 -35.29
N ASN B 21 26.90 5.88 -34.92
CA ASN B 21 26.34 6.14 -33.60
C ASN B 21 25.18 5.17 -33.35
N ILE B 22 24.56 5.26 -32.19
CA ILE B 22 23.35 4.50 -31.85
C ILE B 22 22.27 5.47 -31.38
N LEU B 23 21.09 5.42 -32.01
CA LEU B 23 19.95 6.17 -31.52
C LEU B 23 19.12 5.27 -30.61
N ASN B 24 18.69 5.83 -29.48
CA ASN B 24 17.94 5.11 -28.46
C ASN B 24 16.60 5.78 -28.18
N CYS B 25 15.59 4.98 -27.93
CA CYS B 25 14.32 5.47 -27.44
C CYS B 25 13.95 4.58 -26.27
N TYR B 26 14.07 5.12 -25.07
CA TYR B 26 13.74 4.39 -23.84
C TYR B 26 12.31 4.72 -23.41
N VAL B 27 11.51 3.69 -23.22
CA VAL B 27 10.09 3.86 -22.92
C VAL B 27 9.82 3.24 -21.58
N THR B 28 9.42 4.07 -20.62
CA THR B 28 9.50 3.71 -19.21
C THR B 28 8.26 4.11 -18.40
N GLN B 29 8.21 3.60 -17.18
CA GLN B 29 7.14 3.90 -16.22
C GLN B 29 5.75 3.67 -16.79
N PHE B 30 5.55 2.57 -17.53
CA PHE B 30 4.25 2.33 -18.14
C PHE B 30 3.55 1.04 -17.66
N HIS B 31 2.22 1.07 -17.73
CA HIS B 31 1.36 -0.07 -17.38
C HIS B 31 -0.02 0.21 -17.99
N PRO B 32 -0.67 -0.75 -18.65
CA PRO B 32 -0.27 -2.16 -18.78
C PRO B 32 0.87 -2.37 -19.80
N PRO B 33 1.36 -3.60 -19.96
CA PRO B 33 2.56 -3.83 -20.78
C PRO B 33 2.42 -3.68 -22.30
N HIS B 34 1.23 -3.85 -22.88
CA HIS B 34 1.05 -3.73 -24.32
C HIS B 34 1.39 -2.31 -24.80
N ILE B 35 2.32 -2.23 -25.72
CA ILE B 35 2.83 -0.96 -26.21
C ILE B 35 3.33 -1.14 -27.64
N GLU B 36 3.35 -0.05 -28.39
CA GLU B 36 3.91 -0.03 -29.73
C GLU B 36 4.89 1.12 -29.82
N ILE B 37 6.13 0.79 -30.18
CA ILE B 37 7.22 1.74 -30.25
C ILE B 37 7.81 1.70 -31.67
N GLN B 38 7.80 2.85 -32.34
CA GLN B 38 8.34 3.00 -33.70
C GLN B 38 9.34 4.14 -33.71
N MET B 39 10.54 3.87 -34.23
CA MET B 39 11.55 4.90 -34.41
C MET B 39 11.38 5.39 -35.83
N LEU B 40 11.56 6.69 -36.03
CA LEU B 40 11.30 7.33 -37.31
C LEU B 40 12.51 8.15 -37.77
N LYS B 41 12.82 8.02 -39.05
CA LYS B 41 13.79 8.88 -39.71
C LYS B 41 13.07 9.63 -40.82
N ASN B 42 13.05 10.96 -40.72
CA ASN B 42 12.34 11.84 -41.64
C ASN B 42 10.88 11.44 -41.83
N GLY B 43 10.21 11.12 -40.72
CA GLY B 43 8.79 10.76 -40.72
C GLY B 43 8.49 9.33 -41.16
N LYS B 44 9.53 8.55 -41.44
CA LYS B 44 9.39 7.23 -42.02
C LYS B 44 9.96 6.18 -41.05
N LYS B 45 9.24 5.07 -40.93
CA LYS B 45 9.59 3.97 -40.03
C LYS B 45 11.00 3.41 -40.31
N ILE B 46 11.85 3.33 -39.29
CA ILE B 46 13.16 2.69 -39.41
C ILE B 46 12.97 1.18 -39.33
N PRO B 47 13.41 0.46 -40.34
CA PRO B 47 13.16 -0.99 -40.41
C PRO B 47 13.95 -1.85 -39.42
N LYS B 48 15.17 -1.48 -39.10
CA LYS B 48 16.03 -2.39 -38.34
C LYS B 48 16.12 -1.87 -36.90
N VAL B 49 15.19 -2.29 -36.05
CA VAL B 49 15.12 -1.75 -34.69
C VAL B 49 15.11 -2.88 -33.65
N GLU B 50 16.17 -2.90 -32.84
CA GLU B 50 16.33 -3.90 -31.79
C GLU B 50 15.66 -3.43 -30.51
N MET B 51 14.87 -4.31 -29.91
CA MET B 51 14.26 -4.11 -28.60
C MET B 51 15.13 -4.79 -27.55
N SER B 52 15.34 -4.15 -26.41
CA SER B 52 16.21 -4.72 -25.37
C SER B 52 16.01 -4.06 -24.00
N ASP B 53 16.76 -4.54 -23.01
CA ASP B 53 16.72 -3.99 -21.66
C ASP B 53 15.28 -3.85 -21.14
N MET B 54 14.49 -4.88 -21.34
CA MET B 54 13.18 -4.94 -20.75
C MET B 54 13.31 -5.27 -19.26
N SER B 55 12.65 -4.48 -18.43
CA SER B 55 12.61 -4.74 -17.00
C SER B 55 11.40 -4.06 -16.36
N PHE B 56 11.30 -4.17 -15.05
CA PHE B 56 10.36 -3.35 -14.32
C PHE B 56 10.93 -2.83 -13.02
N SER B 57 10.39 -1.71 -12.57
CA SER B 57 10.85 -1.07 -11.36
C SER B 57 10.18 -1.69 -10.13
N LYS B 58 10.51 -1.15 -8.97
CA LYS B 58 9.93 -1.56 -7.69
C LYS B 58 8.38 -1.47 -7.67
N ASP B 59 7.80 -0.46 -8.33
CA ASP B 59 6.34 -0.29 -8.41
C ASP B 59 5.66 -1.08 -9.56
N TRP B 60 6.46 -1.85 -10.31
CA TRP B 60 5.99 -2.83 -11.32
C TRP B 60 5.81 -2.25 -12.71
N SER B 61 6.05 -0.96 -12.87
CA SER B 61 5.91 -0.30 -14.16
C SER B 61 7.02 -0.79 -15.12
N PHE B 62 6.70 -0.83 -16.40
CA PHE B 62 7.53 -1.48 -17.39
C PHE B 62 8.52 -0.50 -17.97
N TYR B 63 9.68 -1.03 -18.37
CA TYR B 63 10.74 -0.28 -19.02
C TYR B 63 11.21 -1.08 -20.21
N ILE B 64 11.51 -0.44 -21.31
CA ILE B 64 12.10 -1.15 -22.45
C ILE B 64 12.83 -0.19 -23.40
N LEU B 65 13.90 -0.69 -24.02
CA LEU B 65 14.72 0.10 -24.92
C LEU B 65 14.53 -0.32 -26.37
N ALA B 66 14.25 0.66 -27.21
CA ALA B 66 14.36 0.51 -28.66
C ALA B 66 15.64 1.19 -29.09
N HIS B 67 16.45 0.54 -29.93
CA HIS B 67 17.66 1.20 -30.42
C HIS B 67 18.08 0.74 -31.81
N THR B 68 18.85 1.58 -32.47
CA THR B 68 19.23 1.32 -33.85
C THR B 68 20.53 2.04 -34.21
N GLU B 69 21.29 1.47 -35.12
CA GLU B 69 22.52 2.09 -35.60
C GLU B 69 22.14 3.18 -36.58
N PHE B 70 22.89 4.26 -36.55
CA PHE B 70 22.66 5.37 -37.45
C PHE B 70 23.87 6.30 -37.54
N THR B 71 23.93 7.05 -38.65
CA THR B 71 24.97 8.03 -38.88
C THR B 71 24.29 9.38 -39.05
N PRO B 72 24.41 10.28 -38.07
CA PRO B 72 23.77 11.60 -38.15
C PRO B 72 24.16 12.44 -39.37
N THR B 73 23.21 13.27 -39.78
CA THR B 73 23.40 14.22 -40.87
C THR B 73 22.75 15.52 -40.40
N GLU B 74 23.22 16.66 -40.89
CA GLU B 74 22.62 17.93 -40.44
C GLU B 74 21.10 17.97 -40.64
N THR B 75 20.63 17.48 -41.78
CA THR B 75 19.22 17.64 -42.17
C THR B 75 18.28 16.53 -41.70
N ASP B 76 18.82 15.38 -41.32
CA ASP B 76 17.99 14.24 -40.91
C ASP B 76 17.31 14.47 -39.57
N THR B 77 16.01 14.18 -39.51
CA THR B 77 15.20 14.29 -38.31
C THR B 77 14.91 12.90 -37.77
N TYR B 78 15.08 12.70 -36.48
CA TYR B 78 14.75 11.43 -35.85
C TYR B 78 13.73 11.60 -34.73
N ALA B 79 12.91 10.56 -34.52
CA ALA B 79 11.87 10.59 -33.49
C ALA B 79 11.40 9.20 -33.11
N CYS B 80 10.56 9.15 -32.10
CA CYS B 80 10.04 7.91 -31.58
C CYS B 80 8.57 8.12 -31.28
N ARG B 81 7.72 7.29 -31.87
CA ARG B 81 6.27 7.36 -31.75
C ARG B 81 5.77 6.14 -30.97
N VAL B 82 4.99 6.39 -29.93
CA VAL B 82 4.55 5.36 -29.00
C VAL B 82 3.02 5.36 -28.90
N LYS B 83 2.41 4.21 -29.09
CA LYS B 83 1.00 4.00 -28.87
C LYS B 83 0.82 3.15 -27.62
N HIS B 84 0.01 3.63 -26.68
CA HIS B 84 -0.31 2.89 -25.46
C HIS B 84 -1.74 3.22 -24.97
N ASP B 85 -2.38 2.31 -24.25
CA ASP B 85 -3.79 2.49 -23.86
C ASP B 85 -4.04 3.73 -23.02
N SER B 86 -3.01 4.20 -22.31
CA SER B 86 -3.10 5.40 -21.46
C SER B 86 -3.23 6.72 -22.23
N MET B 87 -3.09 6.67 -23.55
CA MET B 87 -3.06 7.86 -24.37
C MET B 87 -4.06 7.71 -25.51
N ALA B 88 -4.92 8.71 -25.65
CA ALA B 88 -5.93 8.74 -26.71
C ALA B 88 -5.29 8.68 -28.09
N GLU B 89 -4.20 9.42 -28.29
CA GLU B 89 -3.43 9.35 -29.54
C GLU B 89 -1.93 9.11 -29.32
N PRO B 90 -1.28 8.58 -30.36
CA PRO B 90 0.18 8.43 -30.40
C PRO B 90 0.97 9.66 -29.95
N LYS B 91 1.98 9.45 -29.09
CA LYS B 91 2.89 10.51 -28.66
C LYS B 91 4.26 10.34 -29.31
N THR B 92 4.72 11.37 -30.00
CA THR B 92 6.02 11.39 -30.61
C THR B 92 6.96 12.28 -29.81
N VAL B 93 8.15 11.78 -29.54
CA VAL B 93 9.22 12.58 -28.99
C VAL B 93 10.34 12.66 -30.04
N TYR B 94 10.79 13.87 -30.35
CA TYR B 94 11.82 14.10 -31.35
C TYR B 94 13.20 14.16 -30.72
N TRP B 95 14.18 13.60 -31.41
CA TRP B 95 15.58 13.69 -31.01
C TRP B 95 16.05 15.14 -31.03
N ASP B 96 16.56 15.60 -29.90
CA ASP B 96 17.07 16.94 -29.72
C ASP B 96 18.60 16.85 -29.58
N ARG B 97 19.31 17.07 -30.69
CA ARG B 97 20.78 17.01 -30.77
C ARG B 97 21.53 17.86 -29.74
N ASP B 98 20.94 19.01 -29.42
CA ASP B 98 21.55 20.04 -28.58
C ASP B 98 21.24 19.89 -27.10
N MET B 99 20.38 18.96 -26.74
CA MET B 99 20.00 18.76 -25.34
C MET B 99 21.25 18.48 -24.51
N ALA C 2 19.36 -21.90 -14.83
CA ALA C 2 19.55 -20.81 -13.83
C ALA C 2 18.25 -20.19 -13.35
N VAL C 3 17.20 -20.19 -14.19
CA VAL C 3 15.88 -19.72 -13.73
C VAL C 3 15.13 -20.81 -12.95
N PHE C 4 14.20 -20.37 -12.12
CA PHE C 4 13.37 -21.24 -11.30
C PHE C 4 12.20 -21.81 -12.13
N ASN C 5 11.75 -23.00 -11.74
CA ASN C 5 10.49 -23.56 -12.22
C ASN C 5 9.37 -23.05 -11.33
N PHE C 6 8.51 -22.19 -11.84
CA PHE C 6 7.53 -21.54 -10.98
C PHE C 6 6.34 -22.47 -10.68
N ALA C 7 5.77 -22.29 -9.48
CA ALA C 7 4.59 -23.04 -9.05
C ALA C 7 3.34 -22.34 -9.54
N THR C 8 2.24 -23.08 -9.63
CA THR C 8 0.93 -22.47 -9.91
C THR C 8 0.36 -21.84 -8.66
N MET C 9 -0.42 -20.78 -8.88
CA MET C 9 -1.09 -20.06 -7.81
C MET C 9 -2.46 -20.67 -7.57
N GLY D 1 3.32 -3.56 28.96
CA GLY D 1 2.12 -2.69 29.24
C GLY D 1 0.84 -3.50 29.15
N PRO D 2 -0.31 -2.89 29.46
CA PRO D 2 -1.59 -3.60 29.39
C PRO D 2 -2.10 -3.71 27.96
N HIS D 3 -2.81 -4.80 27.68
CA HIS D 3 -3.35 -5.07 26.37
C HIS D 3 -4.76 -5.63 26.48
N SER D 4 -5.52 -5.54 25.41
CA SER D 4 -6.92 -5.97 25.39
C SER D 4 -7.28 -6.71 24.10
N LEU D 5 -8.11 -7.75 24.22
CA LEU D 5 -8.74 -8.39 23.09
C LEU D 5 -10.26 -8.16 23.24
N ARG D 6 -10.87 -7.48 22.27
CA ARG D 6 -12.31 -7.20 22.34
C ARG D 6 -13.02 -7.55 21.05
N TYR D 7 -14.25 -8.02 21.19
CA TYR D 7 -15.11 -8.31 20.06
C TYR D 7 -16.38 -7.50 20.22
N PHE D 8 -16.71 -6.73 19.20
CA PHE D 8 -17.98 -6.03 19.12
C PHE D 8 -18.85 -6.84 18.20
N VAL D 9 -19.96 -7.37 18.73
CA VAL D 9 -20.86 -8.18 17.94
C VAL D 9 -22.27 -7.60 17.92
N THR D 10 -22.88 -7.60 16.75
CA THR D 10 -24.17 -6.98 16.51
C THR D 10 -25.05 -7.95 15.74
N ALA D 11 -26.30 -8.10 16.19
CA ALA D 11 -27.31 -8.80 15.42
C ALA D 11 -28.50 -7.85 15.27
N VAL D 12 -28.95 -7.65 14.03
CA VAL D 12 -30.05 -6.74 13.78
C VAL D 12 -31.10 -7.37 12.85
N SER D 13 -32.29 -7.55 13.39
CA SER D 13 -33.41 -8.08 12.63
C SER D 13 -33.90 -7.09 11.58
N ARG D 14 -34.59 -7.62 10.58
CA ARG D 14 -35.13 -6.83 9.49
C ARG D 14 -36.31 -7.58 8.89
N PRO D 15 -37.42 -7.66 9.64
CA PRO D 15 -38.63 -8.37 9.18
C PRO D 15 -39.03 -8.00 7.76
N GLY D 16 -39.42 -9.00 6.98
CA GLY D 16 -39.80 -8.78 5.60
C GLY D 16 -38.63 -8.86 4.63
N LEU D 17 -37.41 -8.78 5.13
CA LEU D 17 -36.21 -8.70 4.26
C LEU D 17 -35.24 -9.86 4.50
N GLY D 18 -35.73 -10.93 5.12
CA GLY D 18 -34.92 -12.11 5.37
C GLY D 18 -34.29 -12.11 6.76
N GLU D 19 -33.22 -12.88 6.90
CA GLU D 19 -32.59 -13.15 8.18
C GLU D 19 -31.85 -11.91 8.74
N PRO D 20 -31.65 -11.86 10.07
CA PRO D 20 -30.88 -10.78 10.69
C PRO D 20 -29.46 -10.65 10.11
N ARG D 21 -28.94 -9.43 10.09
CA ARG D 21 -27.55 -9.22 9.78
C ARG D 21 -26.74 -9.42 11.04
N TYR D 22 -25.68 -10.20 10.95
CA TYR D 22 -24.84 -10.51 12.08
C TYR D 22 -23.39 -10.14 11.75
N MET D 23 -22.72 -9.48 12.70
CA MET D 23 -21.35 -9.02 12.53
C MET D 23 -20.52 -9.26 13.79
N GLU D 24 -19.30 -9.73 13.59
CA GLU D 24 -18.30 -9.76 14.63
C GLU D 24 -17.11 -8.94 14.17
N VAL D 25 -16.64 -8.04 15.04
CA VAL D 25 -15.43 -7.29 14.78
C VAL D 25 -14.49 -7.34 15.97
N GLY D 26 -13.29 -7.88 15.76
CA GLY D 26 -12.29 -8.04 16.80
C GLY D 26 -11.18 -7.01 16.74
N TYR D 27 -10.71 -6.61 17.93
CA TYR D 27 -9.66 -5.62 18.09
C TYR D 27 -8.62 -6.13 19.08
N VAL D 28 -7.35 -5.94 18.74
CA VAL D 28 -6.28 -6.00 19.73
C VAL D 28 -5.89 -4.55 19.96
N ASP D 29 -5.95 -4.06 21.21
CA ASP D 29 -5.81 -2.62 21.51
C ASP D 29 -6.10 -1.71 20.32
N ASP D 30 -7.29 -1.20 20.14
CA ASP D 30 -7.44 -0.15 19.11
C ASP D 30 -7.09 -0.51 17.66
N THR D 31 -6.64 -1.73 17.36
CA THR D 31 -6.46 -2.09 15.94
C THR D 31 -7.33 -3.29 15.55
N GLU D 32 -8.18 -3.04 14.56
CA GLU D 32 -9.01 -4.07 13.96
C GLU D 32 -8.16 -5.19 13.38
N PHE D 33 -8.44 -6.43 13.74
CA PHE D 33 -7.67 -7.57 13.24
C PHE D 33 -8.48 -8.70 12.61
N VAL D 34 -9.76 -8.81 12.93
CA VAL D 34 -10.64 -9.80 12.29
C VAL D 34 -12.07 -9.29 12.14
N ARG D 35 -12.80 -9.95 11.25
CA ARG D 35 -14.15 -9.57 10.97
C ARG D 35 -14.94 -10.68 10.29
N PHE D 36 -16.19 -10.77 10.69
CA PHE D 36 -17.20 -11.61 10.08
C PHE D 36 -18.44 -10.77 9.84
N ASP D 37 -19.00 -10.89 8.64
CA ASP D 37 -20.18 -10.15 8.24
C ASP D 37 -21.07 -11.09 7.43
N SER D 38 -22.30 -11.29 7.92
CA SER D 38 -23.25 -12.24 7.34
C SER D 38 -23.76 -11.81 5.97
N ASP D 39 -23.69 -10.50 5.70
CA ASP D 39 -24.08 -9.94 4.41
C ASP D 39 -22.99 -9.95 3.31
N ALA D 40 -21.80 -10.44 3.61
CA ALA D 40 -20.75 -10.56 2.59
C ALA D 40 -21.14 -11.63 1.57
N GLU D 41 -20.45 -11.67 0.42
CA GLU D 41 -20.76 -12.60 -0.67
C GLU D 41 -20.72 -14.04 -0.17
N ASN D 42 -19.54 -14.46 0.27
CA ASN D 42 -19.39 -15.66 1.08
C ASN D 42 -18.99 -15.21 2.49
N PRO D 43 -19.90 -15.31 3.45
CA PRO D 43 -19.61 -14.88 4.82
C PRO D 43 -18.60 -15.79 5.52
N ARG D 44 -17.38 -15.29 5.70
CA ARG D 44 -16.36 -16.00 6.47
C ARG D 44 -15.57 -15.06 7.36
N TYR D 45 -14.95 -15.61 8.40
CA TYR D 45 -13.97 -14.87 9.17
C TYR D 45 -12.80 -14.48 8.26
N GLU D 46 -12.39 -13.22 8.36
CA GLU D 46 -11.37 -12.64 7.52
C GLU D 46 -10.39 -11.81 8.34
N PRO D 47 -9.12 -11.79 7.94
CA PRO D 47 -8.11 -10.97 8.61
C PRO D 47 -8.28 -9.51 8.21
N ARG D 48 -8.04 -8.61 9.16
CA ARG D 48 -8.16 -7.17 8.91
C ARG D 48 -6.85 -6.46 9.16
N ALA D 49 -5.83 -7.22 9.53
CA ALA D 49 -4.48 -6.71 9.68
C ALA D 49 -3.53 -7.70 8.99
N ARG D 50 -2.46 -7.18 8.41
CA ARG D 50 -1.52 -8.01 7.64
C ARG D 50 -0.93 -9.14 8.46
N TRP D 51 -0.63 -8.88 9.74
CA TRP D 51 0.01 -9.90 10.57
C TRP D 51 -0.83 -11.17 10.82
N MET D 52 -2.16 -11.11 10.63
CA MET D 52 -3.02 -12.29 10.76
C MET D 52 -2.86 -13.34 9.62
N GLU D 53 -2.14 -12.95 8.57
CA GLU D 53 -1.50 -13.86 7.61
C GLU D 53 -0.89 -15.12 8.18
N GLN D 54 -0.30 -14.98 9.37
CA GLN D 54 0.44 -16.06 10.02
C GLN D 54 -0.44 -17.17 10.57
N GLU D 55 -1.76 -16.95 10.67
CA GLU D 55 -2.66 -18.04 11.05
C GLU D 55 -2.97 -18.90 9.83
N GLY D 56 -2.91 -20.21 10.00
CA GLY D 56 -3.21 -21.14 8.92
C GLY D 56 -4.70 -21.30 8.64
N PRO D 57 -5.03 -22.10 7.62
CA PRO D 57 -6.42 -22.26 7.18
C PRO D 57 -7.38 -22.78 8.26
N GLU D 58 -6.90 -23.59 9.20
CA GLU D 58 -7.78 -24.16 10.22
C GLU D 58 -8.29 -23.10 11.19
N TYR D 59 -7.50 -22.05 11.41
CA TYR D 59 -7.95 -20.90 12.20
C TYR D 59 -9.18 -20.31 11.56
N TRP D 60 -9.08 -19.99 10.27
CA TRP D 60 -10.16 -19.33 9.55
C TRP D 60 -11.42 -20.19 9.46
N GLU D 61 -11.23 -21.50 9.35
CA GLU D 61 -12.33 -22.45 9.34
C GLU D 61 -13.01 -22.57 10.70
N ARG D 62 -12.21 -22.67 11.75
CA ARG D 62 -12.75 -22.78 13.10
C ARG D 62 -13.58 -21.53 13.44
N GLU D 63 -12.99 -20.36 13.23
CA GLU D 63 -13.60 -19.10 13.63
C GLU D 63 -14.86 -18.85 12.81
N THR D 64 -14.80 -19.21 11.53
CA THR D 64 -15.96 -19.10 10.64
C THR D 64 -17.12 -19.92 11.20
N GLN D 65 -16.83 -21.15 11.61
CA GLN D 65 -17.84 -22.07 12.09
C GLN D 65 -18.45 -21.60 13.41
N LYS D 66 -17.63 -21.00 14.26
CA LYS D 66 -18.13 -20.53 15.55
C LYS D 66 -18.92 -19.22 15.39
N ALA D 67 -18.52 -18.38 14.43
CA ALA D 67 -19.30 -17.19 14.09
C ALA D 67 -20.68 -17.55 13.54
N LYS D 68 -20.76 -18.64 12.76
CA LYS D 68 -22.01 -19.08 12.18
C LYS D 68 -22.94 -19.66 13.25
N GLY D 69 -22.36 -20.40 14.20
CA GLY D 69 -23.08 -20.84 15.39
C GLY D 69 -23.58 -19.65 16.19
N ASN D 70 -22.71 -18.67 16.43
CA ASN D 70 -23.08 -17.46 17.17
C ASN D 70 -24.20 -16.74 16.47
N GLU D 71 -24.07 -16.60 15.16
CA GLU D 71 -25.12 -16.02 14.34
C GLU D 71 -26.48 -16.66 14.64
N GLN D 72 -26.53 -17.99 14.63
CA GLN D 72 -27.80 -18.69 14.77
C GLN D 72 -28.38 -18.51 16.17
N SER D 73 -27.50 -18.47 17.17
CA SER D 73 -27.91 -18.28 18.56
C SER D 73 -28.46 -16.86 18.80
N PHE D 74 -27.90 -15.86 18.13
CA PHE D 74 -28.39 -14.49 18.26
C PHE D 74 -29.70 -14.26 17.53
N ARG D 75 -29.92 -15.07 16.50
CA ARG D 75 -31.15 -15.08 15.72
C ARG D 75 -32.30 -15.58 16.62
N VAL D 76 -32.00 -16.63 17.37
CA VAL D 76 -32.89 -17.13 18.40
C VAL D 76 -33.13 -16.06 19.48
N ASP D 77 -32.07 -15.42 19.96
CA ASP D 77 -32.18 -14.36 20.98
C ASP D 77 -33.15 -13.26 20.56
N LEU D 78 -33.04 -12.78 19.31
CA LEU D 78 -33.94 -11.74 18.81
C LEU D 78 -35.42 -12.14 18.92
N ARG D 79 -35.75 -13.38 18.57
CA ARG D 79 -37.11 -13.88 18.70
C ARG D 79 -37.53 -13.95 20.17
N THR D 80 -36.63 -14.49 20.99
CA THR D 80 -36.88 -14.66 22.40
C THR D 80 -37.17 -13.30 23.05
N LEU D 81 -36.44 -12.28 22.65
CA LEU D 81 -36.53 -10.98 23.30
C LEU D 81 -37.80 -10.26 22.89
N LEU D 82 -38.33 -10.55 21.70
CA LEU D 82 -39.67 -10.06 21.35
C LEU D 82 -40.67 -10.53 22.37
N GLY D 83 -40.58 -11.80 22.74
CA GLY D 83 -41.46 -12.36 23.76
C GLY D 83 -41.28 -11.71 25.11
N TYR D 84 -40.03 -11.49 25.53
CA TYR D 84 -39.74 -10.88 26.83
C TYR D 84 -40.28 -9.47 26.93
N TYR D 85 -40.20 -8.71 25.85
CA TYR D 85 -40.64 -7.31 25.84
C TYR D 85 -42.07 -7.10 25.29
N ASN D 86 -42.78 -8.20 25.03
CA ASN D 86 -44.13 -8.16 24.45
C ASN D 86 -44.19 -7.30 23.20
N GLN D 87 -43.22 -7.50 22.32
CA GLN D 87 -43.06 -6.67 21.14
C GLN D 87 -43.60 -7.35 19.89
N SER D 88 -43.94 -6.51 18.93
CA SER D 88 -44.41 -6.89 17.60
C SER D 88 -43.34 -7.55 16.75
N LYS D 89 -43.78 -8.40 15.81
CA LYS D 89 -42.87 -9.06 14.88
C LYS D 89 -42.43 -8.14 13.74
N GLY D 90 -43.15 -7.04 13.52
CA GLY D 90 -42.86 -6.13 12.42
C GLY D 90 -41.64 -5.21 12.53
N GLY D 91 -41.15 -4.97 13.74
CA GLY D 91 -40.07 -4.00 13.93
C GLY D 91 -38.67 -4.59 13.84
N SER D 92 -37.71 -3.73 13.52
CA SER D 92 -36.29 -4.06 13.59
C SER D 92 -35.76 -3.86 15.00
N HIS D 93 -34.92 -4.78 15.46
CA HIS D 93 -34.31 -4.67 16.77
C HIS D 93 -32.85 -5.09 16.75
N THR D 94 -32.12 -4.67 17.77
CA THR D 94 -30.67 -4.81 17.84
C THR D 94 -30.23 -5.43 19.15
N ILE D 95 -29.44 -6.48 19.06
CA ILE D 95 -28.64 -6.97 20.16
C ILE D 95 -27.18 -6.57 19.88
N GLN D 96 -26.53 -6.01 20.89
CA GLN D 96 -25.10 -5.73 20.85
C GLN D 96 -24.39 -6.43 22.02
N VAL D 97 -23.17 -6.89 21.76
CA VAL D 97 -22.34 -7.45 22.80
C VAL D 97 -20.93 -6.94 22.67
N ILE D 98 -20.31 -6.61 23.80
CA ILE D 98 -18.87 -6.43 23.86
C ILE D 98 -18.32 -7.51 24.79
N SER D 99 -17.40 -8.31 24.20
CA SER D 99 -16.89 -9.52 24.84
C SER D 99 -15.38 -9.50 24.70
N GLY D 100 -14.67 -9.71 25.81
CA GLY D 100 -13.22 -9.60 25.78
C GLY D 100 -12.51 -9.61 27.11
N CYS D 101 -11.20 -9.42 27.04
CA CYS D 101 -10.35 -9.39 28.20
C CYS D 101 -9.28 -8.32 28.06
N GLU D 102 -8.95 -7.69 29.18
CA GLU D 102 -7.76 -6.89 29.30
C GLU D 102 -6.79 -7.58 30.25
N VAL D 103 -5.58 -7.88 29.77
CA VAL D 103 -4.53 -8.45 30.59
C VAL D 103 -3.53 -7.38 30.97
N GLY D 104 -3.15 -7.34 32.24
CA GLY D 104 -2.12 -6.41 32.70
C GLY D 104 -0.76 -6.70 32.12
N SER D 105 0.20 -5.84 32.42
CA SER D 105 1.60 -6.05 32.01
C SER D 105 2.22 -7.33 32.60
N ASP D 106 1.58 -7.90 33.62
CA ASP D 106 2.01 -9.17 34.21
C ASP D 106 1.47 -10.44 33.52
N GLY D 107 0.64 -10.28 32.50
CA GLY D 107 0.05 -11.41 31.79
C GLY D 107 -1.14 -12.05 32.49
N ARG D 108 -1.70 -11.38 33.49
CA ARG D 108 -2.88 -11.87 34.19
C ARG D 108 -4.09 -11.07 33.75
N LEU D 109 -5.27 -11.66 33.90
CA LEU D 109 -6.52 -10.98 33.62
C LEU D 109 -6.72 -9.83 34.60
N LEU D 110 -6.78 -8.62 34.07
CA LEU D 110 -7.11 -7.42 34.85
C LEU D 110 -8.62 -7.18 34.87
N ARG D 111 -9.25 -7.32 33.70
CA ARG D 111 -10.67 -7.08 33.55
C ARG D 111 -11.25 -8.00 32.48
N GLY D 112 -12.29 -8.75 32.84
CA GLY D 112 -13.03 -9.53 31.88
C GLY D 112 -14.39 -8.90 31.68
N TYR D 113 -14.88 -8.88 30.45
CA TYR D 113 -16.21 -8.34 30.21
C TYR D 113 -17.05 -9.11 29.20
N GLN D 114 -18.32 -9.17 29.52
CA GLN D 114 -19.35 -9.69 28.66
C GLN D 114 -20.56 -8.86 28.97
N GLN D 115 -20.83 -7.86 28.13
CA GLN D 115 -22.01 -7.04 28.34
C GLN D 115 -22.89 -7.00 27.09
N TYR D 116 -24.20 -7.01 27.33
CA TYR D 116 -25.21 -7.08 26.29
C TYR D 116 -26.10 -5.85 26.36
N ALA D 117 -26.58 -5.42 25.19
CA ALA D 117 -27.60 -4.40 25.09
C ALA D 117 -28.67 -4.88 24.13
N TYR D 118 -29.90 -4.40 24.35
CA TYR D 118 -31.00 -4.60 23.41
C TYR D 118 -31.58 -3.24 23.06
N ASP D 119 -31.74 -3.00 21.76
CA ASP D 119 -32.11 -1.68 21.23
C ASP D 119 -31.34 -0.50 21.83
N GLY D 120 -30.04 -0.69 22.05
CA GLY D 120 -29.17 0.40 22.50
C GLY D 120 -29.26 0.77 23.98
N CYS D 121 -29.89 -0.09 24.78
CA CYS D 121 -29.92 0.03 26.24
C CYS D 121 -29.30 -1.20 26.91
N ASP D 122 -28.66 -0.98 28.04
CA ASP D 122 -28.17 -2.05 28.91
C ASP D 122 -29.22 -3.17 29.03
N TYR D 123 -28.77 -4.41 28.92
CA TYR D 123 -29.61 -5.58 29.14
C TYR D 123 -29.06 -6.41 30.30
N ILE D 124 -27.88 -6.98 30.12
CA ILE D 124 -27.27 -7.80 31.17
C ILE D 124 -25.75 -7.77 31.04
N ALA D 125 -25.05 -7.94 32.14
CA ALA D 125 -23.60 -7.84 32.14
C ALA D 125 -22.97 -8.75 33.19
N LEU D 126 -21.87 -9.38 32.82
CA LEU D 126 -21.03 -10.09 33.77
C LEU D 126 -20.38 -9.09 34.74
N ASN D 127 -20.53 -9.32 36.04
CA ASN D 127 -19.89 -8.48 37.04
C ASN D 127 -18.40 -8.68 37.08
N GLU D 128 -17.68 -7.75 37.69
CA GLU D 128 -16.22 -7.81 37.74
C GLU D 128 -15.72 -9.06 38.47
N ASP D 129 -16.53 -9.62 39.36
CA ASP D 129 -16.22 -10.89 40.04
C ASP D 129 -16.23 -12.12 39.13
N LEU D 130 -16.71 -11.98 37.90
CA LEU D 130 -16.76 -13.08 36.93
C LEU D 130 -17.54 -14.28 37.47
N LYS D 131 -18.58 -13.99 38.25
CA LYS D 131 -19.39 -15.00 38.94
C LYS D 131 -20.88 -14.69 38.90
N THR D 132 -21.23 -13.41 39.05
CA THR D 132 -22.63 -12.96 39.13
C THR D 132 -22.95 -11.98 38.01
N TRP D 133 -24.24 -11.74 37.79
CA TRP D 133 -24.72 -10.90 36.69
C TRP D 133 -25.52 -9.70 37.17
N THR D 134 -25.34 -8.56 36.52
CA THR D 134 -26.18 -7.40 36.71
C THR D 134 -27.21 -7.34 35.59
N ALA D 135 -28.46 -7.64 35.92
CA ALA D 135 -29.59 -7.50 35.00
C ALA D 135 -30.12 -6.09 35.09
N ALA D 136 -30.34 -5.45 33.95
CA ALA D 136 -30.67 -4.03 33.90
C ALA D 136 -32.17 -3.76 33.96
N ASP D 137 -32.98 -4.78 33.69
CA ASP D 137 -34.43 -4.67 33.85
C ASP D 137 -35.02 -6.06 34.15
N MET D 138 -36.34 -6.17 34.15
CA MET D 138 -37.01 -7.40 34.57
C MET D 138 -36.98 -8.48 33.51
N ALA D 139 -36.96 -8.08 32.24
CA ALA D 139 -36.79 -9.04 31.15
C ALA D 139 -35.45 -9.77 31.27
N ALA D 140 -34.41 -9.00 31.57
CA ALA D 140 -33.05 -9.52 31.64
C ALA D 140 -32.89 -10.51 32.79
N LEU D 141 -33.80 -10.42 33.76
CA LEU D 141 -33.84 -11.31 34.92
C LEU D 141 -34.11 -12.73 34.48
N ILE D 142 -34.94 -12.91 33.46
CA ILE D 142 -35.20 -14.24 32.90
C ILE D 142 -33.89 -14.82 32.37
N THR D 143 -33.13 -14.04 31.62
CA THR D 143 -31.83 -14.49 31.14
C THR D 143 -30.91 -14.79 32.32
N LYS D 144 -30.89 -13.90 33.32
CA LYS D 144 -30.04 -14.07 34.48
C LYS D 144 -30.29 -15.44 35.11
N HIS D 145 -31.56 -15.78 35.28
CA HIS D 145 -31.95 -17.02 35.92
C HIS D 145 -31.51 -18.23 35.10
N LYS D 146 -31.71 -18.18 33.78
CA LYS D 146 -31.27 -19.23 32.86
C LYS D 146 -29.76 -19.48 32.93
N TRP D 147 -28.99 -18.40 32.99
CA TRP D 147 -27.53 -18.50 32.96
C TRP D 147 -26.95 -18.95 34.30
N GLU D 148 -27.61 -18.60 35.40
CA GLU D 148 -27.26 -19.08 36.74
C GLU D 148 -27.47 -20.59 36.82
N GLN D 149 -28.56 -21.05 36.22
CA GLN D 149 -28.90 -22.47 36.24
C GLN D 149 -27.98 -23.28 35.33
N ALA D 150 -27.47 -22.67 34.28
CA ALA D 150 -26.62 -23.36 33.32
C ALA D 150 -25.13 -23.26 33.66
N GLY D 151 -24.78 -22.50 34.70
CA GLY D 151 -23.38 -22.27 35.03
C GLY D 151 -22.64 -21.51 33.94
N GLU D 152 -23.32 -20.56 33.32
CA GLU D 152 -22.77 -19.74 32.25
C GLU D 152 -21.58 -18.87 32.74
N ALA D 153 -21.70 -18.32 33.94
CA ALA D 153 -20.66 -17.45 34.48
C ALA D 153 -19.30 -18.16 34.58
N GLU D 154 -19.30 -19.40 35.02
CA GLU D 154 -18.06 -20.16 35.22
C GLU D 154 -17.52 -20.65 33.87
N ARG D 155 -18.42 -20.84 32.91
CA ARG D 155 -18.05 -21.14 31.54
C ARG D 155 -17.37 -19.94 30.87
N LEU D 156 -17.96 -18.76 31.07
CA LEU D 156 -17.39 -17.52 30.57
C LEU D 156 -16.06 -17.21 31.25
N ARG D 157 -15.99 -17.46 32.55
CA ARG D 157 -14.79 -17.19 33.34
C ARG D 157 -13.63 -18.03 32.82
N ALA D 158 -13.90 -19.29 32.51
CA ALA D 158 -12.88 -20.16 31.93
C ALA D 158 -12.37 -19.61 30.60
N TYR D 159 -13.28 -19.12 29.75
CA TYR D 159 -12.90 -18.49 28.50
C TYR D 159 -12.02 -17.25 28.72
N LEU D 160 -12.44 -16.38 29.63
CA LEU D 160 -11.79 -15.07 29.83
C LEU D 160 -10.40 -15.19 30.49
N GLU D 161 -10.23 -16.22 31.32
CA GLU D 161 -8.97 -16.46 32.01
C GLU D 161 -8.06 -17.37 31.19
N GLY D 162 -8.66 -18.13 30.27
CA GLY D 162 -7.96 -19.15 29.52
C GLY D 162 -7.80 -18.75 28.07
N THR D 163 -8.79 -19.10 27.24
CA THR D 163 -8.72 -18.86 25.80
C THR D 163 -8.39 -17.41 25.48
N CYS D 164 -9.07 -16.47 26.15
CA CYS D 164 -8.99 -15.07 25.76
C CYS D 164 -7.58 -14.51 25.96
N VAL D 165 -6.98 -14.73 27.14
CA VAL D 165 -5.65 -14.20 27.40
C VAL D 165 -4.56 -14.93 26.61
N GLU D 166 -4.72 -16.22 26.38
CA GLU D 166 -3.73 -16.99 25.63
C GLU D 166 -3.72 -16.60 24.17
N TRP D 167 -4.89 -16.45 23.56
CA TRP D 167 -4.97 -16.00 22.17
C TRP D 167 -4.50 -14.54 22.06
N LEU D 168 -4.80 -13.73 23.07
CA LEU D 168 -4.27 -12.37 23.11
C LEU D 168 -2.74 -12.39 23.04
N ARG D 169 -2.10 -13.26 23.83
CA ARG D 169 -0.63 -13.39 23.83
C ARG D 169 -0.10 -13.80 22.46
N ARG D 170 -0.77 -14.75 21.82
CA ARG D 170 -0.40 -15.17 20.49
C ARG D 170 -0.52 -14.04 19.48
N TYR D 171 -1.59 -13.27 19.55
CA TYR D 171 -1.80 -12.16 18.61
C TYR D 171 -0.77 -11.07 18.82
N LEU D 172 -0.42 -10.78 20.07
CA LEU D 172 0.59 -9.75 20.36
C LEU D 172 1.94 -10.15 19.79
N LYS D 173 2.27 -11.44 19.81
CA LYS D 173 3.55 -11.92 19.31
C LYS D 173 3.61 -11.88 17.78
N ASN D 174 2.62 -12.47 17.11
CA ASN D 174 2.55 -12.46 15.65
C ASN D 174 2.55 -11.06 15.06
N GLY D 175 1.84 -10.14 15.71
CA GLY D 175 1.67 -8.79 15.21
C GLY D 175 2.48 -7.76 15.96
N ASN D 176 3.64 -8.15 16.50
CA ASN D 176 4.34 -7.31 17.48
C ASN D 176 5.05 -6.08 16.88
N ALA D 177 5.57 -6.21 15.66
CA ALA D 177 6.18 -5.07 14.97
C ALA D 177 5.21 -3.90 14.73
N THR D 178 3.91 -4.13 14.97
CA THR D 178 2.87 -3.11 14.78
C THR D 178 2.07 -2.83 16.07
N LEU D 179 1.86 -3.84 16.91
CA LEU D 179 0.96 -3.73 18.05
C LEU D 179 1.63 -3.18 19.31
N LEU D 180 2.94 -3.41 19.43
CA LEU D 180 3.68 -2.98 20.63
C LEU D 180 4.28 -1.56 20.48
N ARG D 181 4.09 -0.93 19.33
CA ARG D 181 4.57 0.43 19.10
C ARG D 181 3.77 1.46 19.91
N THR D 182 4.43 2.57 20.25
CA THR D 182 3.77 3.77 20.74
C THR D 182 4.21 4.91 19.85
N ASP D 183 3.27 5.49 19.11
CA ASP D 183 3.54 6.70 18.34
C ASP D 183 2.97 7.91 19.05
N SER D 184 3.86 8.86 19.35
CA SER D 184 3.48 10.09 20.03
C SER D 184 2.77 11.04 19.08
N PRO D 185 1.83 11.83 19.61
CA PRO D 185 1.15 12.82 18.78
C PRO D 185 2.07 13.96 18.33
N LYS D 186 1.91 14.39 17.09
CA LYS D 186 2.46 15.63 16.58
C LYS D 186 1.30 16.64 16.51
N ALA D 187 1.50 17.82 17.10
CA ALA D 187 0.41 18.79 17.25
C ALA D 187 0.68 20.14 16.58
N HIS D 188 -0.39 20.87 16.29
CA HIS D 188 -0.32 22.24 15.80
C HIS D 188 -1.67 22.98 15.96
N VAL D 189 -1.65 24.30 15.73
CA VAL D 189 -2.84 25.14 15.89
C VAL D 189 -3.19 25.85 14.59
N THR D 190 -4.47 25.82 14.21
CA THR D 190 -4.98 26.60 13.07
C THR D 190 -5.85 27.77 13.57
N HIS D 191 -6.02 28.77 12.72
CA HIS D 191 -6.69 30.02 13.07
C HIS D 191 -7.87 30.29 12.14
N HIS D 192 -9.01 30.69 12.71
CA HIS D 192 -10.23 30.97 11.95
C HIS D 192 -10.94 32.19 12.55
N SER D 193 -11.40 33.08 11.69
CA SER D 193 -12.03 34.32 12.15
C SER D 193 -13.49 34.10 12.53
N ARG D 194 -14.00 35.01 13.37
CA ARG D 194 -15.40 35.01 13.77
C ARG D 194 -15.95 36.44 13.75
N PRO D 195 -17.28 36.58 13.85
CA PRO D 195 -17.87 37.90 14.07
C PRO D 195 -17.58 38.46 15.48
N GLU D 196 -17.76 39.77 15.64
CA GLU D 196 -17.60 40.46 16.92
C GLU D 196 -16.20 40.33 17.54
N ASP D 197 -15.18 40.54 16.71
CA ASP D 197 -13.78 40.62 17.16
C ASP D 197 -13.37 39.43 18.02
N LYS D 198 -13.69 38.23 17.57
CA LYS D 198 -13.28 37.00 18.25
C LYS D 198 -12.68 36.01 17.26
N VAL D 199 -12.17 34.89 17.79
CA VAL D 199 -11.32 33.99 17.03
C VAL D 199 -11.41 32.57 17.60
N THR D 200 -11.47 31.58 16.71
CA THR D 200 -11.43 30.16 17.10
C THR D 200 -10.01 29.64 16.89
N LEU D 201 -9.41 29.16 17.98
CA LEU D 201 -8.14 28.45 17.94
C LEU D 201 -8.45 26.96 18.00
N ARG D 202 -7.87 26.19 17.08
CA ARG D 202 -8.08 24.75 17.04
C ARG D 202 -6.74 24.04 17.20
N CYS D 203 -6.62 23.27 18.29
CA CYS D 203 -5.46 22.43 18.54
C CYS D 203 -5.67 21.04 17.97
N TRP D 204 -4.82 20.65 17.03
CA TRP D 204 -4.83 19.32 16.42
C TRP D 204 -3.77 18.42 17.05
N ALA D 205 -4.08 17.13 17.15
CA ALA D 205 -3.08 16.11 17.42
C ALA D 205 -3.23 15.03 16.35
N LEU D 206 -2.11 14.62 15.74
CA LEU D 206 -2.11 13.68 14.61
C LEU D 206 -1.07 12.56 14.79
N GLY D 207 -1.31 11.44 14.09
CA GLY D 207 -0.37 10.34 13.99
C GLY D 207 -0.05 9.60 15.28
N PHE D 208 -0.99 9.53 16.20
CA PHE D 208 -0.75 8.86 17.49
C PHE D 208 -1.42 7.47 17.64
N TYR D 209 -0.84 6.68 18.53
CA TYR D 209 -1.26 5.30 18.84
C TYR D 209 -0.60 4.88 20.15
N PRO D 210 -1.32 4.27 21.10
CA PRO D 210 -2.77 3.99 21.04
C PRO D 210 -3.65 5.24 20.94
N ALA D 211 -4.96 5.05 20.98
CA ALA D 211 -5.92 6.13 20.72
C ALA D 211 -6.17 7.05 21.93
N ASP D 212 -5.97 6.53 23.14
CA ASP D 212 -6.17 7.32 24.36
C ASP D 212 -5.34 8.60 24.32
N ILE D 213 -6.01 9.74 24.52
CA ILE D 213 -5.36 11.04 24.48
C ILE D 213 -6.20 12.08 25.20
N THR D 214 -5.56 13.17 25.63
CA THR D 214 -6.28 14.31 26.19
C THR D 214 -5.69 15.62 25.65
N LEU D 215 -6.58 16.46 25.11
CA LEU D 215 -6.26 17.84 24.74
C LEU D 215 -7.00 18.79 25.68
N THR D 216 -6.26 19.76 26.22
CA THR D 216 -6.84 20.83 27.02
C THR D 216 -6.39 22.18 26.47
N TRP D 217 -7.14 23.22 26.81
CA TRP D 217 -6.69 24.59 26.61
C TRP D 217 -6.58 25.27 27.97
N GLN D 218 -5.58 26.12 28.12
CA GLN D 218 -5.29 26.78 29.39
C GLN D 218 -5.18 28.28 29.22
N LEU D 219 -6.01 29.02 29.93
CA LEU D 219 -5.84 30.46 30.11
C LEU D 219 -5.08 30.69 31.42
N ASN D 220 -3.75 30.63 31.34
CA ASN D 220 -2.84 30.88 32.47
C ASN D 220 -3.03 29.93 33.67
N GLY D 221 -2.80 28.64 33.44
CA GLY D 221 -2.80 27.65 34.51
C GLY D 221 -4.13 27.00 34.82
N GLU D 222 -5.24 27.65 34.44
CA GLU D 222 -6.58 27.07 34.62
C GLU D 222 -7.10 26.50 33.30
N GLU D 223 -7.49 25.22 33.33
CA GLU D 223 -8.03 24.55 32.15
C GLU D 223 -9.47 25.00 31.95
N LEU D 224 -9.77 25.54 30.78
CA LEU D 224 -11.10 26.05 30.45
C LEU D 224 -12.10 24.90 30.38
N ILE D 225 -11.84 23.96 29.48
CA ILE D 225 -12.65 22.75 29.27
C ILE D 225 -14.10 23.01 28.77
N GLN D 226 -14.61 24.21 29.01
CA GLN D 226 -16.05 24.49 28.92
C GLN D 226 -16.42 25.48 27.81
N ASP D 227 -15.55 26.45 27.52
CA ASP D 227 -15.68 27.27 26.31
C ASP D 227 -15.18 26.50 25.07
N MET D 228 -14.72 25.27 25.32
CA MET D 228 -14.11 24.43 24.29
C MET D 228 -15.10 23.84 23.31
N GLU D 229 -14.55 23.10 22.35
CA GLU D 229 -15.29 22.21 21.49
C GLU D 229 -14.30 21.12 21.07
N LEU D 230 -14.71 19.87 21.10
CA LEU D 230 -13.83 18.80 20.66
C LEU D 230 -14.55 17.69 19.93
N VAL D 231 -13.80 16.96 19.12
CA VAL D 231 -14.30 15.80 18.42
C VAL D 231 -13.73 14.57 19.10
N GLU D 232 -14.41 13.45 18.96
CA GLU D 232 -13.91 12.22 19.57
C GLU D 232 -12.74 11.72 18.75
N THR D 233 -11.80 11.09 19.43
CA THR D 233 -10.62 10.55 18.78
C THR D 233 -11.04 9.65 17.63
N ARG D 234 -10.31 9.72 16.52
CA ARG D 234 -10.78 9.05 15.34
C ARG D 234 -9.68 8.48 14.45
N PRO D 235 -9.99 7.35 13.81
CA PRO D 235 -9.00 6.63 13.02
C PRO D 235 -8.76 7.31 11.69
N ALA D 236 -7.51 7.29 11.25
CA ALA D 236 -7.06 7.98 10.05
C ALA D 236 -6.91 7.04 8.86
N GLY D 237 -7.18 5.76 9.09
CA GLY D 237 -7.13 4.76 8.04
C GLY D 237 -5.80 4.04 7.88
N ASP D 238 -4.82 4.37 8.72
CA ASP D 238 -3.46 3.82 8.62
C ASP D 238 -2.97 3.22 9.94
N GLY D 239 -3.90 2.91 10.84
CA GLY D 239 -3.58 2.42 12.16
C GLY D 239 -3.31 3.48 13.22
N THR D 240 -3.38 4.75 12.85
CA THR D 240 -3.11 5.86 13.78
C THR D 240 -4.36 6.67 14.00
N PHE D 241 -4.27 7.63 14.91
CA PHE D 241 -5.45 8.36 15.33
C PHE D 241 -5.23 9.87 15.27
N GLN D 242 -6.34 10.59 15.39
CA GLN D 242 -6.39 12.03 15.14
C GLN D 242 -7.40 12.63 16.11
N LYS D 243 -7.16 13.87 16.54
CA LYS D 243 -8.10 14.58 17.42
C LYS D 243 -7.94 16.09 17.31
N TRP D 244 -8.97 16.82 17.69
CA TRP D 244 -8.82 18.25 17.91
C TRP D 244 -9.73 18.79 19.00
N ALA D 245 -9.29 19.90 19.58
CA ALA D 245 -10.05 20.64 20.56
C ALA D 245 -9.88 22.13 20.23
N SER D 246 -10.97 22.88 20.30
CA SER D 246 -10.96 24.30 19.96
C SER D 246 -11.52 25.16 21.09
N VAL D 247 -11.23 26.45 21.04
CA VAL D 247 -11.73 27.39 22.02
C VAL D 247 -11.85 28.78 21.38
N VAL D 248 -12.92 29.50 21.71
CA VAL D 248 -13.13 30.85 21.18
C VAL D 248 -12.49 31.89 22.10
N VAL D 249 -11.57 32.67 21.54
CA VAL D 249 -10.81 33.68 22.28
C VAL D 249 -10.90 35.07 21.63
N PRO D 250 -10.74 36.13 22.41
CA PRO D 250 -10.72 37.49 21.86
C PRO D 250 -9.55 37.74 20.88
N LEU D 251 -9.84 38.42 19.78
CA LEU D 251 -8.84 38.77 18.75
C LEU D 251 -7.76 39.65 19.38
N GLY D 252 -6.50 39.37 19.03
CA GLY D 252 -5.36 40.09 19.60
C GLY D 252 -4.77 39.46 20.87
N LYS D 253 -5.63 38.93 21.73
CA LYS D 253 -5.20 38.25 22.97
C LYS D 253 -4.93 36.77 22.67
N GLU D 254 -4.14 36.51 21.63
CA GLU D 254 -4.03 35.20 21.01
C GLU D 254 -3.08 34.29 21.80
N GLN D 255 -1.89 34.80 22.10
CA GLN D 255 -0.81 33.97 22.65
C GLN D 255 -0.86 33.85 24.18
N TYR D 256 -2.00 34.20 24.78
CA TYR D 256 -2.26 33.93 26.19
C TYR D 256 -2.84 32.53 26.41
N TYR D 257 -3.24 31.89 25.32
CA TYR D 257 -3.86 30.57 25.38
C TYR D 257 -2.87 29.49 24.92
N THR D 258 -2.79 28.43 25.69
CA THR D 258 -1.95 27.29 25.36
C THR D 258 -2.78 26.00 25.33
N CYS D 259 -2.43 25.12 24.41
CA CYS D 259 -3.04 23.82 24.31
C CYS D 259 -2.06 22.78 24.86
N HIS D 260 -2.55 21.93 25.75
CA HIS D 260 -1.74 20.87 26.34
C HIS D 260 -2.18 19.52 25.81
N VAL D 261 -1.21 18.67 25.45
CA VAL D 261 -1.46 17.34 24.92
C VAL D 261 -0.89 16.29 25.87
N TYR D 262 -1.74 15.34 26.27
CA TYR D 262 -1.34 14.27 27.18
C TYR D 262 -1.52 12.92 26.49
N HIS D 263 -0.43 12.16 26.41
CA HIS D 263 -0.41 10.85 25.77
C HIS D 263 0.63 9.97 26.47
N GLN D 264 0.43 8.65 26.40
CA GLN D 264 1.35 7.69 27.02
C GLN D 264 2.73 7.63 26.34
N GLY D 265 2.81 8.10 25.09
CA GLY D 265 4.05 8.17 24.35
C GLY D 265 4.86 9.45 24.62
N LEU D 266 4.28 10.38 25.38
CA LEU D 266 4.94 11.62 25.76
C LEU D 266 5.47 11.58 27.20
N PRO D 267 6.79 11.49 27.38
CA PRO D 267 7.36 11.70 28.72
C PRO D 267 6.93 13.07 29.27
N GLU D 268 6.94 14.07 28.40
CA GLU D 268 6.51 15.42 28.75
C GLU D 268 5.29 15.83 27.91
N PRO D 269 4.18 16.16 28.57
CA PRO D 269 3.01 16.72 27.87
C PRO D 269 3.37 17.94 27.00
N LEU D 270 2.87 17.98 25.77
CA LEU D 270 3.15 19.08 24.85
C LEU D 270 2.47 20.37 25.27
N THR D 271 3.16 21.49 25.05
CA THR D 271 2.56 22.81 25.20
C THR D 271 2.84 23.61 23.94
N LEU D 272 1.79 24.24 23.40
CA LEU D 272 1.90 24.98 22.14
C LEU D 272 0.81 26.04 21.99
N ARG D 273 1.12 27.07 21.19
CA ARG D 273 0.20 28.18 20.93
C ARG D 273 0.09 28.40 19.42
N TRP D 274 -0.78 29.32 19.01
CA TRP D 274 -0.91 29.69 17.59
C TRP D 274 0.35 30.42 17.14
N GLU D 275 0.84 30.08 15.94
CA GLU D 275 2.00 30.73 15.34
C GLU D 275 1.56 31.60 14.16
N PRO D 276 1.51 32.92 14.34
CA PRO D 276 1.25 33.85 13.22
C PRO D 276 2.37 33.81 12.17
N ILE E 1 -34.31 3.92 21.64
CA ILE E 1 -33.53 5.18 21.52
C ILE E 1 -33.15 5.45 20.07
N GLN E 2 -33.00 6.73 19.73
CA GLN E 2 -32.61 7.16 18.38
C GLN E 2 -31.58 8.31 18.46
N LYS E 3 -30.41 8.10 17.86
CA LYS E 3 -29.35 9.11 17.85
C LYS E 3 -28.87 9.43 16.44
N THR E 4 -28.70 10.73 16.19
CA THR E 4 -28.27 11.25 14.90
C THR E 4 -26.77 11.06 14.68
N PRO E 5 -26.36 10.56 13.53
CA PRO E 5 -24.92 10.41 13.28
C PRO E 5 -24.19 11.75 13.23
N GLN E 6 -22.98 11.76 13.78
CA GLN E 6 -22.06 12.88 13.64
C GLN E 6 -21.07 12.47 12.56
N ILE E 7 -20.97 13.28 11.52
CA ILE E 7 -20.17 12.97 10.36
C ILE E 7 -18.94 13.84 10.34
N GLN E 8 -17.76 13.23 10.25
CA GLN E 8 -16.52 13.97 10.23
C GLN E 8 -15.67 13.53 9.02
N VAL E 9 -15.28 14.50 8.20
CA VAL E 9 -14.51 14.24 6.99
C VAL E 9 -13.14 14.90 7.10
N TYR E 10 -12.11 14.17 6.69
CA TYR E 10 -10.72 14.58 6.94
C TYR E 10 -9.74 13.66 6.25
N SER E 11 -8.55 14.16 5.95
CA SER E 11 -7.49 13.32 5.39
C SER E 11 -6.52 12.90 6.50
N ARG E 12 -5.77 11.84 6.25
CA ARG E 12 -4.70 11.40 7.16
C ARG E 12 -3.77 12.56 7.57
N HIS E 13 -3.10 13.17 6.58
CA HIS E 13 -2.18 14.29 6.82
C HIS E 13 -2.80 15.59 6.35
N PRO E 14 -2.24 16.73 6.75
CA PRO E 14 -2.57 18.00 6.10
C PRO E 14 -2.33 17.87 4.59
N PRO E 15 -3.30 18.28 3.77
CA PRO E 15 -3.31 17.91 2.34
C PRO E 15 -2.39 18.74 1.45
N GLU E 16 -1.78 18.08 0.46
CA GLU E 16 -0.96 18.73 -0.55
C GLU E 16 -1.40 18.29 -1.95
N ASN E 17 -1.52 19.25 -2.86
CA ASN E 17 -1.98 18.96 -4.22
C ASN E 17 -0.98 18.09 -4.98
N GLY E 18 -1.47 17.04 -5.63
CA GLY E 18 -0.64 16.07 -6.31
C GLY E 18 -0.15 14.93 -5.42
N LYS E 19 -0.20 15.12 -4.10
CA LYS E 19 0.35 14.15 -3.13
C LYS E 19 -0.69 13.10 -2.67
N PRO E 20 -0.32 11.82 -2.78
CA PRO E 20 -1.15 10.72 -2.26
C PRO E 20 -1.59 10.91 -0.82
N ASN E 21 -2.87 10.63 -0.56
CA ASN E 21 -3.44 10.76 0.77
C ASN E 21 -4.61 9.79 0.90
N ILE E 22 -5.17 9.67 2.09
CA ILE E 22 -6.42 8.91 2.26
C ILE E 22 -7.50 9.84 2.79
N LEU E 23 -8.67 9.79 2.14
CA LEU E 23 -9.84 10.54 2.62
C LEU E 23 -10.71 9.69 3.52
N ASN E 24 -11.05 10.23 4.69
CA ASN E 24 -11.87 9.54 5.69
C ASN E 24 -13.21 10.20 5.90
N CYS E 25 -14.21 9.40 6.20
CA CYS E 25 -15.47 9.90 6.71
C CYS E 25 -15.86 9.03 7.89
N TYR E 26 -15.69 9.56 9.09
CA TYR E 26 -16.06 8.86 10.32
C TYR E 26 -17.48 9.21 10.74
N VAL E 27 -18.31 8.20 10.90
CA VAL E 27 -19.73 8.40 11.23
C VAL E 27 -19.97 7.77 12.60
N THR E 28 -20.30 8.61 13.57
CA THR E 28 -20.33 8.19 14.96
C THR E 28 -21.62 8.52 15.68
N GLN E 29 -21.77 7.92 16.84
CA GLN E 29 -22.83 8.28 17.78
C GLN E 29 -24.24 8.07 17.24
N PHE E 30 -24.43 7.03 16.42
CA PHE E 30 -25.75 6.78 15.82
C PHE E 30 -26.44 5.49 16.29
N HIS E 31 -27.77 5.53 16.29
CA HIS E 31 -28.63 4.38 16.56
C HIS E 31 -29.99 4.67 15.88
N PRO E 32 -30.62 3.69 15.20
CA PRO E 32 -30.19 2.30 15.07
C PRO E 32 -29.01 2.07 14.09
N PRO E 33 -28.52 0.84 13.98
CA PRO E 33 -27.33 0.56 13.16
C PRO E 33 -27.48 0.73 11.65
N HIS E 34 -28.69 0.65 11.10
CA HIS E 34 -28.86 0.75 9.66
C HIS E 34 -28.45 2.14 9.18
N ILE E 35 -27.57 2.18 8.20
CA ILE E 35 -27.00 3.43 7.73
C ILE E 35 -26.51 3.26 6.30
N GLU E 36 -26.49 4.37 5.55
CA GLU E 36 -25.87 4.43 4.23
C GLU E 36 -24.84 5.54 4.25
N ILE E 37 -23.59 5.20 3.91
CA ILE E 37 -22.50 6.16 3.86
C ILE E 37 -21.89 6.16 2.46
N GLN E 38 -21.86 7.32 1.83
CA GLN E 38 -21.36 7.47 0.46
C GLN E 38 -20.31 8.57 0.43
N MET E 39 -19.13 8.28 -0.07
CA MET E 39 -18.10 9.29 -0.30
C MET E 39 -18.23 9.81 -1.74
N LEU E 40 -18.13 11.13 -1.91
CA LEU E 40 -18.35 11.79 -3.20
C LEU E 40 -17.12 12.58 -3.65
N LYS E 41 -16.84 12.51 -4.94
CA LYS E 41 -15.89 13.40 -5.58
C LYS E 41 -16.65 14.17 -6.66
N ASN E 42 -16.67 15.49 -6.53
CA ASN E 42 -17.38 16.37 -7.46
C ASN E 42 -18.84 15.96 -7.66
N GLY E 43 -19.52 15.61 -6.57
CA GLY E 43 -20.92 15.22 -6.59
C GLY E 43 -21.18 13.79 -7.05
N LYS E 44 -20.13 13.02 -7.31
CA LYS E 44 -20.26 11.70 -7.92
C LYS E 44 -19.69 10.61 -7.00
N LYS E 45 -20.46 9.54 -6.80
CA LYS E 45 -20.09 8.42 -5.94
C LYS E 45 -18.69 7.87 -6.23
N ILE E 46 -17.83 7.81 -5.21
CA ILE E 46 -16.52 7.18 -5.30
C ILE E 46 -16.71 5.65 -5.21
N PRO E 47 -16.22 4.93 -6.22
CA PRO E 47 -16.49 3.48 -6.35
C PRO E 47 -15.86 2.56 -5.29
N LYS E 48 -14.57 2.71 -5.00
CA LYS E 48 -13.89 1.77 -4.09
C LYS E 48 -13.74 2.42 -2.73
N VAL E 49 -14.72 2.19 -1.86
CA VAL E 49 -14.75 2.75 -0.52
C VAL E 49 -14.83 1.62 0.50
N GLU E 50 -13.80 1.51 1.33
CA GLU E 50 -13.76 0.47 2.35
C GLU E 50 -14.36 0.94 3.69
N MET E 51 -15.15 0.08 4.29
CA MET E 51 -15.65 0.32 5.63
C MET E 51 -14.76 -0.41 6.63
N SER E 52 -14.46 0.26 7.75
CA SER E 52 -13.59 -0.29 8.78
C SER E 52 -13.84 0.38 10.14
N ASP E 53 -13.18 -0.15 11.17
CA ASP E 53 -13.17 0.40 12.51
C ASP E 53 -14.58 0.56 13.06
N MET E 54 -15.39 -0.46 12.89
CA MET E 54 -16.73 -0.46 13.50
C MET E 54 -16.60 -0.79 14.96
N SER E 55 -17.15 0.08 15.80
CA SER E 55 -17.26 -0.20 17.23
C SER E 55 -18.52 0.46 17.79
N PHE E 56 -18.69 0.31 19.10
CA PHE E 56 -19.64 1.13 19.82
C PHE E 56 -19.00 1.75 21.05
N SER E 57 -19.55 2.87 21.48
CA SER E 57 -19.15 3.56 22.69
C SER E 57 -19.81 2.91 23.91
N LYS E 58 -19.53 3.44 25.10
CA LYS E 58 -20.15 2.93 26.32
C LYS E 58 -21.68 3.02 26.30
N ASP E 59 -22.25 4.03 25.65
CA ASP E 59 -23.72 4.20 25.56
C ASP E 59 -24.36 3.41 24.41
N TRP E 60 -23.57 2.57 23.74
CA TRP E 60 -24.02 1.59 22.75
C TRP E 60 -24.16 2.12 21.32
N SER E 61 -23.91 3.41 21.13
CA SER E 61 -24.06 4.04 19.84
C SER E 61 -22.95 3.55 18.90
N PHE E 62 -23.25 3.51 17.61
CA PHE E 62 -22.40 2.89 16.62
C PHE E 62 -21.42 3.90 16.05
N TYR E 63 -20.22 3.43 15.72
CA TYR E 63 -19.15 4.21 15.12
C TYR E 63 -18.64 3.40 13.93
N ILE E 64 -18.39 4.03 12.78
CA ILE E 64 -17.80 3.30 11.66
C ILE E 64 -17.01 4.28 10.77
N LEU E 65 -15.89 3.81 10.22
CA LEU E 65 -15.08 4.60 9.29
C LEU E 65 -15.30 4.14 7.84
N ALA E 66 -15.46 5.12 6.97
CA ALA E 66 -15.43 4.91 5.52
C ALA E 66 -14.15 5.58 5.05
N HIS E 67 -13.35 4.89 4.25
CA HIS E 67 -12.12 5.49 3.75
C HIS E 67 -11.81 5.06 2.33
N THR E 68 -11.10 5.93 1.61
CA THR E 68 -10.73 5.68 0.23
C THR E 68 -9.46 6.41 -0.16
N GLU E 69 -8.77 5.84 -1.15
CA GLU E 69 -7.59 6.46 -1.71
C GLU E 69 -8.00 7.66 -2.54
N PHE E 70 -7.19 8.72 -2.48
CA PHE E 70 -7.38 9.89 -3.32
C PHE E 70 -6.13 10.76 -3.41
N THR E 71 -6.02 11.49 -4.52
CA THR E 71 -5.00 12.50 -4.66
C THR E 71 -5.70 13.85 -4.80
N PRO E 72 -5.65 14.70 -3.77
CA PRO E 72 -6.30 16.02 -3.82
C PRO E 72 -5.72 16.92 -4.92
N THR E 73 -6.58 17.74 -5.51
CA THR E 73 -6.13 18.84 -6.38
C THR E 73 -6.77 20.12 -5.88
N GLU E 74 -6.53 21.22 -6.59
CA GLU E 74 -7.14 22.49 -6.22
C GLU E 74 -8.64 22.49 -6.52
N THR E 75 -9.04 21.97 -7.68
CA THR E 75 -10.44 22.07 -8.12
C THR E 75 -11.37 21.05 -7.47
N ASP E 76 -10.84 19.88 -7.10
CA ASP E 76 -11.69 18.78 -6.70
C ASP E 76 -12.34 19.00 -5.33
N THR E 77 -13.61 18.65 -5.25
CA THR E 77 -14.42 18.77 -4.05
C THR E 77 -14.77 17.38 -3.54
N TYR E 78 -14.62 17.16 -2.24
CA TYR E 78 -14.94 15.88 -1.63
C TYR E 78 -15.98 16.03 -0.53
N ALA E 79 -16.78 14.99 -0.36
CA ALA E 79 -17.90 15.04 0.56
C ALA E 79 -18.31 13.66 0.98
N CYS E 80 -19.09 13.59 2.05
CA CYS E 80 -19.63 12.35 2.54
C CYS E 80 -21.14 12.53 2.77
N ARG E 81 -21.92 11.63 2.19
CA ARG E 81 -23.37 11.70 2.28
C ARG E 81 -23.86 10.50 3.07
N VAL E 82 -24.73 10.76 4.04
CA VAL E 82 -25.17 9.76 4.99
C VAL E 82 -26.69 9.78 5.09
N LYS E 83 -27.32 8.61 4.93
CA LYS E 83 -28.76 8.44 5.16
C LYS E 83 -28.97 7.57 6.40
N HIS E 84 -29.85 8.04 7.29
CA HIS E 84 -30.15 7.38 8.54
C HIS E 84 -31.58 7.75 8.99
N ASP E 85 -32.27 6.83 9.65
CA ASP E 85 -33.68 7.04 9.97
C ASP E 85 -33.93 8.22 10.92
N SER E 86 -32.90 8.65 11.66
CA SER E 86 -32.95 9.84 12.51
C SER E 86 -33.08 11.18 11.76
N MET E 87 -32.84 11.16 10.45
CA MET E 87 -32.96 12.37 9.61
C MET E 87 -33.88 12.11 8.43
N ALA E 88 -34.83 13.03 8.25
CA ALA E 88 -35.76 12.99 7.12
C ALA E 88 -35.05 13.22 5.79
N GLU E 89 -33.91 13.93 5.85
CA GLU E 89 -33.13 14.26 4.66
C GLU E 89 -31.69 13.71 4.77
N PRO E 90 -31.14 13.19 3.66
CA PRO E 90 -29.71 12.88 3.62
C PRO E 90 -28.86 14.10 4.01
N LYS E 91 -27.84 13.89 4.85
CA LYS E 91 -26.92 14.94 5.24
C LYS E 91 -25.55 14.75 4.60
N THR E 92 -25.08 15.78 3.92
CA THR E 92 -23.77 15.78 3.27
C THR E 92 -22.83 16.64 4.08
N VAL E 93 -21.62 16.16 4.34
CA VAL E 93 -20.58 16.97 4.95
C VAL E 93 -19.40 17.09 3.98
N TYR E 94 -18.96 18.31 3.73
CA TYR E 94 -17.92 18.57 2.75
C TYR E 94 -16.55 18.62 3.39
N TRP E 95 -15.55 18.12 2.67
CA TRP E 95 -14.18 18.18 3.15
C TRP E 95 -13.68 19.63 3.22
N ASP E 96 -13.45 20.08 4.45
CA ASP E 96 -12.89 21.39 4.76
C ASP E 96 -11.38 21.25 4.93
N ARG E 97 -10.64 21.61 3.88
CA ARG E 97 -9.20 21.41 3.85
C ARG E 97 -8.45 22.25 4.91
N ASP E 98 -9.00 23.40 5.28
CA ASP E 98 -8.31 24.35 6.17
C ASP E 98 -8.60 24.20 7.67
N MET E 99 -9.54 23.32 8.03
CA MET E 99 -10.07 23.25 9.40
C MET E 99 -9.02 23.31 10.51
N ALA F 2 -10.36 -17.15 18.89
CA ALA F 2 -10.27 -16.17 20.03
C ALA F 2 -11.62 -15.67 20.54
N VAL F 3 -12.68 -15.69 19.74
CA VAL F 3 -14.01 -15.28 20.24
C VAL F 3 -14.72 -16.38 21.04
N PHE F 4 -15.65 -15.94 21.87
CA PHE F 4 -16.49 -16.80 22.68
C PHE F 4 -17.60 -17.43 21.83
N ASN F 5 -18.04 -18.63 22.21
CA ASN F 5 -19.28 -19.23 21.72
C ASN F 5 -20.41 -18.70 22.60
N PHE F 6 -21.32 -17.90 22.05
CA PHE F 6 -22.33 -17.24 22.86
C PHE F 6 -23.46 -18.19 23.24
N ALA F 7 -24.02 -17.97 24.43
CA ALA F 7 -25.17 -18.73 24.92
C ALA F 7 -26.45 -18.03 24.51
N THR F 8 -27.56 -18.76 24.40
CA THR F 8 -28.84 -18.14 24.12
C THR F 8 -29.43 -17.46 25.36
N MET F 9 -30.21 -16.42 25.13
CA MET F 9 -30.84 -15.63 26.17
C MET F 9 -32.20 -16.18 26.58
#